data_5IPZ
#
_entry.id   5IPZ
#
_cell.length_a   48.694
_cell.length_b   256.408
_cell.length_c   48.551
_cell.angle_alpha   90.000
_cell.angle_beta   117.340
_cell.angle_gamma   90.000
#
_symmetry.space_group_name_H-M   'P 1 21 1'
#
loop_
_entity.id
_entity.type
_entity.pdbx_description
1 polymer 'Carbonic anhydrase 4'
2 non-polymer 'ZINC ION'
3 non-polymer 5-(2-amino-1,3-thiazol-4-yl)-2-chlorobenzene-1-sulfonamide
4 water water
#
_entity_poly.entity_id   1
_entity_poly.type   'polypeptide(L)'
_entity_poly.pdbx_seq_one_letter_code
;MAESHWCYEVQAESSNYPCLVPVKWGGNCQKDRQSPINIVTTKAKVDKKLGRFFFSGYDKKQTWTVQNNGHSVMMLLENK
ASISGGGLPAPYQAKQLHLHWSDLPYKGSEHSLDGEHFAMEMHIVHEKEKGTSRNVKEAQDPEDEIAVLAFLVEAGTQVN
EGFQPLVEALSNIPKPEMSTTMAESSLLDLLPKEEKLRHYFRYLGSLTTPTCDEKVVWTVFREPIQLHREQILAFSQKLY
YDKEQTVSMKDNVRPLQQLGQRTVIKS
;
_entity_poly.pdbx_strand_id   A,B,C,D
#
# COMPACT_ATOMS: atom_id res chain seq x y z
N GLU A 3 38.98 37.11 4.87
CA GLU A 3 37.74 36.88 5.66
C GLU A 3 37.49 35.39 5.87
N SER A 4 38.40 34.76 6.62
CA SER A 4 38.33 33.32 6.90
C SER A 4 39.00 32.96 8.24
N HIS A 5 39.42 31.70 8.37
CA HIS A 5 39.90 31.14 9.61
C HIS A 5 41.05 31.88 10.24
N TRP A 6 41.27 31.64 11.53
CA TRP A 6 42.49 32.05 12.21
C TRP A 6 43.33 30.82 12.44
N CYS A 7 44.61 30.99 12.73
CA CYS A 7 45.46 29.83 12.96
C CYS A 7 46.59 30.20 13.91
N TYR A 8 47.39 29.19 14.30
CA TYR A 8 48.53 29.36 15.23
C TYR A 8 49.75 29.54 14.36
N GLU A 9 50.84 30.07 14.91
CA GLU A 9 52.00 30.37 14.06
C GLU A 9 52.43 29.16 13.24
N VAL A 10 52.63 28.03 13.91
CA VAL A 10 53.14 26.81 13.29
C VAL A 10 52.28 26.36 12.12
N GLN A 11 50.99 26.64 12.19
CA GLN A 11 50.01 25.95 11.38
C GLN A 11 49.67 26.74 10.12
N ALA A 12 50.36 27.87 9.92
CA ALA A 12 50.13 28.76 8.76
C ALA A 12 50.82 28.27 7.48
N GLU A 13 52.03 27.76 7.62
CA GLU A 13 52.78 27.25 6.48
C GLU A 13 52.39 25.83 6.02
N SER A 14 51.32 25.26 6.59
CA SER A 14 50.95 23.86 6.34
C SER A 14 49.52 23.69 5.87
N SER A 15 48.72 24.74 6.03
CA SER A 15 47.31 24.70 5.74
C SER A 15 47.02 25.20 4.34
N ASN A 16 45.79 24.98 3.85
CA ASN A 16 45.42 25.37 2.48
C ASN A 16 44.41 26.51 2.36
N TYR A 17 43.61 26.75 3.39
CA TYR A 17 42.80 27.96 3.44
C TYR A 17 43.83 29.00 3.85
N PRO A 18 43.70 30.26 3.39
CA PRO A 18 44.42 31.40 3.99
C PRO A 18 44.03 31.60 5.47
N CYS A 19 44.99 31.99 6.31
CA CYS A 19 44.69 32.27 7.73
C CYS A 19 45.53 33.35 8.42
N LEU A 20 44.90 33.99 9.40
CA LEU A 20 45.54 34.98 10.24
C LEU A 20 46.40 34.32 11.29
N VAL A 21 47.64 34.80 11.39
CA VAL A 21 48.61 34.30 12.36
C VAL A 21 48.41 35.12 13.61
N PRO A 22 48.94 34.65 14.74
CA PRO A 22 48.65 35.30 16.00
C PRO A 22 48.86 36.80 15.95
N VAL A 23 50.02 37.26 15.47
CA VAL A 23 50.29 38.71 15.47
C VAL A 23 49.32 39.48 14.54
N LYS A 24 48.59 38.73 13.71
CA LYS A 24 47.57 39.28 12.79
C LYS A 24 46.08 38.99 13.10
N TRP A 25 45.80 38.21 14.16
CA TRP A 25 44.39 37.99 14.56
C TRP A 25 43.72 39.33 14.74
N GLY A 26 42.44 39.40 14.41
CA GLY A 26 41.68 40.66 14.54
C GLY A 26 40.97 40.86 15.87
N GLY A 27 39.66 41.08 15.81
CA GLY A 27 38.84 41.28 17.02
C GLY A 27 39.50 42.19 18.05
N ASN A 28 39.50 41.73 19.31
CA ASN A 28 40.17 42.45 20.38
C ASN A 28 41.57 41.95 20.68
N CYS A 29 42.13 41.17 19.76
CA CYS A 29 43.35 40.45 20.04
C CYS A 29 44.56 41.36 20.23
N GLN A 30 44.45 42.59 19.72
CA GLN A 30 45.55 43.54 19.67
C GLN A 30 45.42 44.66 20.70
N LYS A 31 44.72 44.38 21.80
CA LYS A 31 44.59 45.35 22.86
C LYS A 31 45.54 45.09 24.01
N ASP A 32 45.23 45.71 25.16
CA ASP A 32 46.17 45.91 26.26
C ASP A 32 45.98 45.12 27.56
N ARG A 33 44.86 44.44 27.71
CA ARG A 33 44.68 43.57 28.87
C ARG A 33 44.57 42.10 28.41
N GLN A 34 45.51 41.69 27.56
CA GLN A 34 45.44 40.35 26.98
C GLN A 34 46.07 39.20 27.79
N SER A 35 45.86 37.98 27.29
CA SER A 35 46.29 36.70 27.85
C SER A 35 46.84 35.81 26.75
N PRO A 36 47.72 34.88 27.12
CA PRO A 36 48.33 34.63 28.41
C PRO A 36 49.49 35.57 28.76
N ILE A 37 50.00 35.42 30.01
CA ILE A 37 51.19 36.16 30.43
C ILE A 37 52.25 35.31 31.06
N ASN A 38 53.40 35.95 31.27
CA ASN A 38 54.37 35.44 32.24
C ASN A 38 54.00 35.87 33.65
N ILE A 39 54.04 34.95 34.61
CA ILE A 39 53.79 35.31 36.02
C ILE A 39 55.15 35.34 36.78
N VAL A 40 55.55 36.52 37.25
CA VAL A 40 56.70 36.59 38.13
C VAL A 40 56.20 36.20 39.52
N THR A 41 56.40 34.95 39.90
CA THR A 41 55.81 34.50 41.18
C THR A 41 56.13 35.43 42.38
N THR A 42 57.37 35.92 42.50
CA THR A 42 57.71 36.78 43.66
C THR A 42 56.96 38.12 43.75
N LYS A 43 56.60 38.66 42.59
CA LYS A 43 55.96 39.98 42.44
C LYS A 43 54.46 40.06 42.67
N ALA A 44 53.82 38.90 42.86
CA ALA A 44 52.37 38.84 43.09
C ALA A 44 52.02 38.90 44.58
N LYS A 45 51.46 40.01 45.04
CA LYS A 45 51.16 40.19 46.46
C LYS A 45 50.04 39.26 46.91
N VAL A 46 50.23 38.65 48.08
CA VAL A 46 49.25 37.74 48.67
C VAL A 46 48.01 38.55 48.98
N ASP A 47 46.86 38.04 48.53
CA ASP A 47 45.56 38.59 48.91
C ASP A 47 44.79 37.52 49.69
N LYS A 48 44.31 37.92 50.87
CA LYS A 48 43.70 36.96 51.82
C LYS A 48 42.33 36.42 51.45
N LYS A 49 41.55 37.23 50.72
CA LYS A 49 40.23 36.80 50.20
C LYS A 49 40.30 35.66 49.13
N LEU A 50 41.50 35.41 48.60
CA LEU A 50 41.72 34.26 47.74
C LEU A 50 41.72 32.95 48.54
N GLY A 51 40.53 32.51 48.95
CA GLY A 51 40.41 31.27 49.70
C GLY A 51 40.15 30.08 48.82
N ARG A 52 40.06 28.90 49.44
CA ARG A 52 39.73 27.64 48.74
C ARG A 52 38.51 27.70 47.78
N PHE A 53 38.57 26.91 46.70
CA PHE A 53 37.52 26.84 45.67
C PHE A 53 36.62 25.72 46.10
N PHE A 54 35.33 25.86 45.84
CA PHE A 54 34.39 24.80 46.11
C PHE A 54 33.81 24.34 44.79
N PHE A 55 33.63 23.02 44.71
CA PHE A 55 33.29 22.36 43.50
C PHE A 55 31.97 21.61 43.72
N SER A 56 31.00 21.79 42.81
CA SER A 56 29.79 20.92 42.68
C SER A 56 29.83 20.17 41.37
N GLY A 57 29.55 18.88 41.39
CA GLY A 57 29.41 18.11 40.13
C GLY A 57 30.70 17.55 39.60
N TYR A 58 31.82 18.01 40.16
CA TYR A 58 33.14 17.50 39.79
C TYR A 58 33.36 16.00 40.06
N ASP A 59 32.71 15.47 41.09
CA ASP A 59 32.92 14.07 41.52
C ASP A 59 32.04 13.11 40.73
N LYS A 60 31.00 13.65 40.12
CA LYS A 60 29.98 12.86 39.44
C LYS A 60 30.56 12.19 38.18
N LYS A 61 30.37 10.87 38.06
CA LYS A 61 30.86 10.15 36.88
C LYS A 61 29.97 10.58 35.73
N GLN A 62 30.49 10.66 34.49
CA GLN A 62 29.71 11.05 33.29
C GLN A 62 30.33 10.58 31.96
N THR A 63 29.66 10.81 30.82
CA THR A 63 30.20 10.34 29.54
C THR A 63 30.33 11.50 28.58
N TRP A 64 31.50 12.13 28.63
CA TRP A 64 31.61 13.44 28.03
C TRP A 64 31.73 13.33 26.55
N THR A 65 31.09 14.24 25.85
CA THR A 65 31.30 14.42 24.41
C THR A 65 32.64 15.14 24.27
N VAL A 66 33.54 14.59 23.48
CA VAL A 66 34.82 15.28 23.22
C VAL A 66 35.09 15.40 21.72
N GLN A 67 35.49 16.61 21.27
CA GLN A 67 35.73 16.90 19.85
C GLN A 67 37.01 17.66 19.49
N ASN A 68 37.57 17.28 18.34
CA ASN A 68 38.62 17.98 17.64
C ASN A 68 38.01 19.11 16.83
N ASN A 69 38.15 20.34 17.32
CA ASN A 69 37.56 21.50 16.65
C ASN A 69 38.57 22.12 15.67
N GLY A 70 39.67 21.41 15.39
CA GLY A 70 40.72 21.99 14.54
C GLY A 70 41.65 22.96 15.23
N HIS A 71 41.42 23.28 16.51
CA HIS A 71 42.36 24.13 17.25
C HIS A 71 42.88 23.51 18.53
N SER A 72 42.02 22.68 19.13
CA SER A 72 42.35 22.00 20.33
C SER A 72 41.51 20.71 20.36
N VAL A 73 41.61 19.95 21.43
CA VAL A 73 40.56 18.90 21.72
C VAL A 73 39.72 19.43 22.89
N MET A 74 38.38 19.44 22.75
CA MET A 74 37.49 20.08 23.71
C MET A 74 36.43 19.11 24.22
N MET A 75 36.20 19.09 25.55
CA MET A 75 35.08 18.32 26.07
C MET A 75 33.97 19.29 26.46
N LEU A 76 32.75 18.89 26.18
CA LEU A 76 31.66 19.80 26.40
C LEU A 76 31.06 19.43 27.73
N LEU A 77 31.00 20.40 28.66
CA LEU A 77 30.59 20.14 30.04
C LEU A 77 29.12 20.52 30.35
N GLU A 78 28.50 21.20 29.37
CA GLU A 78 27.06 21.52 29.37
C GLU A 78 26.50 21.93 30.69
N ASN A 79 27.18 22.86 31.34
CA ASN A 79 26.73 23.45 32.62
C ASN A 79 26.48 22.40 33.73
N LYS A 80 27.07 21.21 33.59
CA LYS A 80 26.80 20.11 34.54
C LYS A 80 27.76 20.02 35.72
N ALA A 81 28.56 21.07 35.88
CA ALA A 81 29.46 21.18 37.01
C ALA A 81 29.59 22.66 37.37
N SER A 82 30.02 22.96 38.58
CA SER A 82 30.09 24.38 38.95
C SER A 82 31.14 24.72 40.00
N ILE A 83 31.52 26.01 40.12
CA ILE A 83 32.56 26.43 41.07
C ILE A 83 32.17 27.72 41.81
N SER A 84 32.71 27.87 43.02
CA SER A 84 32.41 28.94 43.91
C SER A 84 33.67 29.04 44.72
N GLY A 85 33.78 30.09 45.54
CA GLY A 85 34.99 30.25 46.30
C GLY A 85 36.08 30.90 45.46
N GLY A 86 37.34 30.62 45.77
CA GLY A 86 38.46 31.19 45.00
C GLY A 86 38.46 32.70 44.75
N GLY A 87 37.72 33.43 45.59
CA GLY A 87 37.70 34.89 45.51
C GLY A 87 36.72 35.39 44.48
N LEU A 88 35.87 34.51 44.00
CA LEU A 88 34.95 34.84 42.93
C LEU A 88 33.71 35.47 43.49
N PRO A 89 33.07 36.35 42.69
CA PRO A 89 31.88 37.10 43.06
C PRO A 89 30.60 36.28 43.07
N ALA A 90 30.66 35.06 42.55
CA ALA A 90 29.44 34.32 42.25
C ALA A 90 29.79 32.93 41.77
N PRO A 91 28.76 32.08 41.59
CA PRO A 91 29.03 30.75 41.06
C PRO A 91 29.21 30.76 39.56
N TYR A 92 30.05 29.84 39.08
CA TYR A 92 30.31 29.75 37.64
C TYR A 92 30.05 28.34 37.11
N GLN A 93 29.30 28.28 36.02
N GLN A 93 29.28 28.27 36.03
CA GLN A 93 28.94 27.01 35.40
CA GLN A 93 28.88 27.00 35.41
C GLN A 93 29.98 26.56 34.38
C GLN A 93 29.88 26.51 34.35
N ALA A 94 30.46 25.34 34.59
CA ALA A 94 31.40 24.71 33.67
C ALA A 94 30.80 24.50 32.25
N LYS A 95 31.45 25.09 31.23
CA LYS A 95 31.06 24.98 29.82
C LYS A 95 31.87 24.00 29.00
N GLN A 96 33.21 24.10 29.12
CA GLN A 96 34.05 23.24 28.31
C GLN A 96 35.48 23.15 28.94
N LEU A 97 36.23 22.12 28.57
CA LEU A 97 37.61 21.94 29.02
C LEU A 97 38.37 21.59 27.76
N HIS A 98 39.52 22.23 27.57
CA HIS A 98 40.37 21.97 26.44
C HIS A 98 41.81 22.14 26.85
N LEU A 99 42.75 21.83 25.95
CA LEU A 99 44.14 21.81 26.32
C LEU A 99 44.96 22.55 25.27
N HIS A 100 46.20 22.94 25.63
CA HIS A 100 47.18 23.41 24.63
C HIS A 100 48.39 22.62 24.87
N TRP A 101 49.12 22.24 23.82
CA TRP A 101 50.33 21.42 23.99
C TRP A 101 51.37 21.62 22.93
N SER A 102 52.58 21.16 23.24
CA SER A 102 53.63 20.94 22.24
C SER A 102 54.11 19.48 22.25
N ASP A 103 55.19 19.21 21.52
CA ASP A 103 55.87 17.91 21.62
C ASP A 103 57.21 18.01 22.36
N LEU A 104 57.49 19.19 22.89
CA LEU A 104 58.73 19.41 23.60
C LEU A 104 58.34 19.94 24.98
N PRO A 105 58.93 19.37 26.05
CA PRO A 105 58.59 19.70 27.45
C PRO A 105 58.63 21.19 27.78
N TYR A 106 59.37 21.97 27.01
CA TYR A 106 59.54 23.36 27.39
C TYR A 106 58.61 24.35 26.68
N LYS A 107 57.71 23.91 25.81
CA LYS A 107 57.00 24.93 25.03
C LYS A 107 55.46 24.85 24.80
N GLY A 108 54.82 23.89 25.44
CA GLY A 108 53.39 23.60 25.21
C GLY A 108 52.42 24.39 26.07
N SER A 109 52.95 25.05 27.07
CA SER A 109 52.05 25.82 27.93
C SER A 109 51.84 27.25 27.42
N GLU A 110 50.70 27.86 27.78
CA GLU A 110 50.42 29.24 27.36
C GLU A 110 50.85 30.18 28.44
N HIS A 111 50.57 29.83 29.68
CA HIS A 111 51.19 30.65 30.66
C HIS A 111 52.59 30.14 30.96
N SER A 112 53.42 31.02 31.52
CA SER A 112 54.74 30.59 32.06
C SER A 112 54.85 31.13 33.49
N LEU A 113 55.71 30.50 34.30
CA LEU A 113 55.90 30.91 35.70
C LEU A 113 57.39 31.28 35.88
N ASP A 114 57.69 32.58 36.04
CA ASP A 114 59.09 33.02 36.24
C ASP A 114 59.91 32.58 35.04
N GLY A 115 59.33 32.75 33.84
CA GLY A 115 59.95 32.29 32.59
C GLY A 115 59.87 30.82 32.21
N GLU A 116 59.27 29.96 33.04
CA GLU A 116 59.18 28.53 32.66
C GLU A 116 57.84 28.15 32.10
N HIS A 117 57.91 27.44 30.97
CA HIS A 117 56.78 26.91 30.21
C HIS A 117 56.73 25.44 30.46
N PHE A 118 55.52 24.85 30.40
CA PHE A 118 55.32 23.45 30.76
C PHE A 118 54.92 22.73 29.52
N ALA A 119 54.72 21.42 29.62
CA ALA A 119 54.53 20.59 28.42
C ALA A 119 53.10 20.75 27.87
N MET A 120 52.15 21.14 28.72
CA MET A 120 50.79 21.34 28.16
C MET A 120 50.12 22.29 29.07
N GLU A 121 48.98 22.83 28.65
CA GLU A 121 48.16 23.50 29.61
C GLU A 121 46.65 23.29 29.39
N MET A 122 45.97 22.86 30.47
CA MET A 122 44.54 22.52 30.53
C MET A 122 43.74 23.69 31.04
N HIS A 123 42.69 24.04 30.29
CA HIS A 123 41.72 25.07 30.57
C HIS A 123 40.32 24.59 30.80
N ILE A 124 39.80 24.86 31.97
CA ILE A 124 38.39 24.57 32.23
C ILE A 124 37.69 25.89 32.34
N VAL A 125 36.80 26.15 31.35
CA VAL A 125 36.15 27.44 31.04
C VAL A 125 34.75 27.41 31.72
N HIS A 126 34.51 28.35 32.63
CA HIS A 126 33.24 28.61 33.26
C HIS A 126 32.71 29.98 32.89
N GLU A 127 31.40 30.12 32.94
CA GLU A 127 30.72 31.40 32.73
C GLU A 127 29.94 31.77 33.99
N LYS A 128 29.95 33.04 34.36
CA LYS A 128 29.31 33.56 35.57
C LYS A 128 27.82 33.22 35.65
N GLU A 129 27.33 32.90 36.84
CA GLU A 129 25.91 32.58 37.01
C GLU A 129 24.95 33.74 36.78
N LYS A 130 24.06 33.57 35.81
CA LYS A 130 22.91 34.44 35.70
C LYS A 130 22.00 34.23 36.91
N GLY A 131 21.91 35.23 37.77
CA GLY A 131 20.91 35.27 38.86
C GLY A 131 19.51 35.57 38.31
N THR A 132 18.66 36.08 39.19
CA THR A 132 17.32 36.54 38.86
C THR A 132 17.33 38.08 38.80
N SER A 133 18.52 38.65 39.05
CA SER A 133 18.84 40.08 38.90
C SER A 133 20.00 40.19 37.91
N ARG A 134 20.20 41.38 37.42
CA ARG A 134 21.26 41.74 36.50
C ARG A 134 21.14 43.24 36.44
N ASN A 135 22.24 43.95 36.62
CA ASN A 135 22.15 45.39 36.76
C ASN A 135 22.41 45.94 35.37
N VAL A 136 22.01 47.18 35.08
CA VAL A 136 22.24 47.71 33.72
C VAL A 136 23.45 48.66 33.84
N ASP A 141 31.01 45.41 29.26
CA ASP A 141 32.27 44.71 28.95
C ASP A 141 32.78 43.97 30.18
N PRO A 142 32.07 42.92 30.61
CA PRO A 142 32.29 42.41 31.96
C PRO A 142 33.67 41.79 32.12
N GLU A 143 34.55 42.43 32.90
CA GLU A 143 35.91 41.90 33.12
C GLU A 143 35.98 40.47 33.74
N ASP A 144 34.84 39.90 34.09
CA ASP A 144 34.84 38.58 34.74
C ASP A 144 33.65 37.71 34.31
N GLU A 145 33.20 37.85 33.05
CA GLU A 145 32.06 37.09 32.53
C GLU A 145 32.40 35.62 32.61
N ILE A 146 33.68 35.34 32.35
CA ILE A 146 34.19 33.98 32.21
C ILE A 146 35.27 33.69 33.23
N ALA A 147 35.26 32.49 33.82
CA ALA A 147 36.30 32.10 34.78
C ALA A 147 37.00 30.90 34.22
N VAL A 148 38.31 31.06 33.95
CA VAL A 148 39.10 29.92 33.50
C VAL A 148 39.98 29.34 34.62
N LEU A 149 39.89 28.04 34.83
CA LEU A 149 40.82 27.37 35.71
C LEU A 149 41.91 26.75 34.86
N ALA A 150 43.15 27.03 35.19
CA ALA A 150 44.21 26.60 34.34
C ALA A 150 45.22 25.72 35.08
N PHE A 151 45.55 24.59 34.46
CA PHE A 151 46.54 23.69 35.03
C PHE A 151 47.67 23.49 34.07
N LEU A 152 48.88 23.61 34.60
CA LEU A 152 50.09 23.31 33.85
C LEU A 152 50.29 21.83 34.00
N VAL A 153 50.81 21.19 32.94
CA VAL A 153 51.02 19.78 32.91
C VAL A 153 52.52 19.61 32.63
N GLU A 154 53.17 18.72 33.38
CA GLU A 154 54.54 18.28 33.08
C GLU A 154 54.58 16.75 33.01
N ALA A 155 55.60 16.19 32.35
CA ALA A 155 55.82 14.74 32.34
C ALA A 155 56.19 14.16 33.70
N GLY A 156 55.32 13.33 34.28
CA GLY A 156 55.66 12.52 35.47
C GLY A 156 56.08 11.12 35.09
N THR A 157 56.42 10.30 36.08
CA THR A 157 56.90 8.94 35.80
C THR A 157 55.75 7.88 35.71
N GLN A 158 54.56 8.21 36.22
CA GLN A 158 53.47 7.24 36.13
C GLN A 158 52.30 7.67 35.24
N VAL A 159 51.58 6.68 34.73
CA VAL A 159 50.29 6.94 34.12
C VAL A 159 49.39 7.72 35.09
N ASN A 160 48.72 8.75 34.58
CA ASN A 160 47.65 9.41 35.29
C ASN A 160 46.43 8.66 34.79
N GLU A 161 45.91 7.75 35.61
CA GLU A 161 44.78 6.94 35.17
C GLU A 161 43.54 7.81 34.99
N GLY A 162 43.47 8.92 35.74
CA GLY A 162 42.39 9.88 35.61
C GLY A 162 42.22 10.37 34.19
N PHE A 163 43.34 10.57 33.51
CA PHE A 163 43.38 11.06 32.15
C PHE A 163 43.12 10.04 31.04
N GLN A 164 43.14 8.75 31.40
CA GLN A 164 43.00 7.69 30.41
C GLN A 164 41.71 7.66 29.53
N PRO A 165 40.52 7.93 30.08
CA PRO A 165 39.48 7.96 29.05
C PRO A 165 39.63 9.12 28.05
N LEU A 166 40.26 10.23 28.43
CA LEU A 166 40.45 11.36 27.47
C LEU A 166 41.48 10.95 26.45
N VAL A 167 42.60 10.39 26.93
CA VAL A 167 43.72 10.00 26.06
C VAL A 167 43.36 8.89 25.04
N GLU A 168 42.50 7.95 25.46
CA GLU A 168 42.04 6.89 24.57
C GLU A 168 41.10 7.42 23.50
N ALA A 169 40.25 8.38 23.86
CA ALA A 169 39.26 8.92 22.94
C ALA A 169 39.94 9.74 21.85
N LEU A 170 41.21 10.11 22.06
CA LEU A 170 41.97 10.83 21.05
C LEU A 170 41.98 10.04 19.74
N SER A 171 42.13 8.72 19.84
CA SER A 171 42.12 7.85 18.65
C SER A 171 40.87 8.02 17.76
N ASN A 172 39.74 8.43 18.32
CA ASN A 172 38.51 8.54 17.55
C ASN A 172 38.20 9.90 16.97
N ILE A 173 39.08 10.89 17.18
CA ILE A 173 38.80 12.24 16.64
C ILE A 173 40.04 12.91 15.97
N PRO A 174 40.74 12.18 15.07
CA PRO A 174 41.99 12.68 14.48
C PRO A 174 41.81 13.94 13.62
N LYS A 175 40.69 13.98 12.90
CA LYS A 175 40.36 15.08 12.00
C LYS A 175 39.51 16.14 12.67
N PRO A 176 39.73 17.43 12.31
CA PRO A 176 38.88 18.54 12.69
C PRO A 176 37.44 18.18 12.36
N GLU A 177 36.52 18.66 13.21
CA GLU A 177 35.06 18.38 13.14
C GLU A 177 34.62 16.95 13.50
N MET A 178 35.54 16.11 13.98
CA MET A 178 35.09 14.81 14.51
C MET A 178 34.73 14.91 15.98
N SER A 179 33.74 14.14 16.39
CA SER A 179 33.49 14.00 17.81
C SER A 179 33.43 12.54 18.26
N THR A 180 33.38 12.36 19.59
CA THR A 180 33.14 11.04 20.16
C THR A 180 32.61 11.18 21.58
N THR A 181 32.48 10.05 22.26
CA THR A 181 32.02 10.03 23.65
C THR A 181 33.13 9.30 24.42
N MET A 182 33.61 9.93 25.50
CA MET A 182 34.59 9.29 26.36
C MET A 182 33.89 8.22 27.19
N ALA A 183 34.64 7.18 27.56
CA ALA A 183 34.24 6.28 28.65
C ALA A 183 34.00 7.11 29.91
N GLU A 184 33.20 6.55 30.80
CA GLU A 184 32.78 7.17 32.05
C GLU A 184 33.92 7.73 32.89
N SER A 185 33.74 8.96 33.38
CA SER A 185 34.79 9.63 34.11
C SER A 185 34.23 10.91 34.71
N SER A 186 35.01 11.51 35.60
CA SER A 186 34.63 12.75 36.25
C SER A 186 35.71 13.83 36.00
N LEU A 187 35.32 15.09 36.09
CA LEU A 187 36.28 16.21 36.15
C LEU A 187 37.30 16.05 37.29
N LEU A 188 36.84 15.44 38.39
CA LEU A 188 37.67 15.22 39.56
C LEU A 188 38.87 14.34 39.26
N ASP A 189 38.68 13.37 38.35
CA ASP A 189 39.70 12.42 37.91
C ASP A 189 40.88 13.12 37.24
N LEU A 190 40.62 14.29 36.64
CA LEU A 190 41.68 15.02 35.93
C LEU A 190 42.39 16.03 36.87
N LEU A 191 41.73 16.38 37.95
CA LEU A 191 42.28 17.31 38.92
C LEU A 191 43.35 16.67 39.84
N PRO A 192 44.19 17.53 40.47
CA PRO A 192 45.13 17.00 41.47
C PRO A 192 44.45 17.04 42.83
N LYS A 193 45.02 16.40 43.83
CA LYS A 193 44.39 16.37 45.17
C LYS A 193 44.26 17.80 45.71
N GLU A 194 43.37 18.01 46.69
CA GLU A 194 42.98 19.37 47.14
C GLU A 194 44.11 20.26 47.70
N GLU A 195 45.14 19.65 48.28
N GLU A 195 45.16 19.67 48.26
CA GLU A 195 46.29 20.40 48.79
CA GLU A 195 46.29 20.45 48.80
C GLU A 195 47.03 21.08 47.65
C GLU A 195 47.15 21.05 47.68
N LYS A 196 47.20 20.35 46.54
CA LYS A 196 47.80 20.89 45.33
C LYS A 196 47.00 22.05 44.71
N LEU A 197 45.80 22.25 45.23
CA LEU A 197 44.80 23.22 44.83
C LEU A 197 44.80 24.47 45.71
N ARG A 198 45.56 24.46 46.82
CA ARG A 198 45.50 25.63 47.71
C ARG A 198 46.21 26.88 47.16
N HIS A 199 47.32 26.67 46.44
CA HIS A 199 48.13 27.74 45.83
C HIS A 199 47.83 28.08 44.36
N TYR A 200 47.43 29.33 44.11
CA TYR A 200 47.22 29.77 42.73
C TYR A 200 47.31 31.27 42.51
N PHE A 201 47.57 31.64 41.26
CA PHE A 201 47.66 33.04 40.86
C PHE A 201 46.34 33.53 40.21
N ARG A 202 46.07 34.85 40.30
CA ARG A 202 44.85 35.43 39.81
C ARG A 202 45.13 36.76 39.09
N TYR A 203 44.44 36.99 37.96
CA TYR A 203 44.53 38.24 37.24
C TYR A 203 43.42 38.22 36.18
N LEU A 204 43.09 39.42 35.74
CA LEU A 204 42.09 39.73 34.76
C LEU A 204 42.67 39.85 33.36
N GLY A 205 42.06 39.15 32.41
CA GLY A 205 42.62 39.03 31.08
C GLY A 205 41.61 38.73 30.02
N SER A 206 42.01 37.93 29.04
CA SER A 206 41.21 37.66 27.83
C SER A 206 41.19 36.17 27.52
N LEU A 207 40.44 35.83 26.49
CA LEU A 207 40.40 34.48 25.93
C LEU A 207 41.68 34.46 25.19
N THR A 208 42.29 33.29 24.94
CA THR A 208 43.62 33.33 24.34
C THR A 208 43.48 32.95 22.89
N THR A 209 42.24 32.89 22.42
CA THR A 209 41.94 32.64 21.01
C THR A 209 40.92 33.67 20.56
N PRO A 210 40.84 33.93 19.24
CA PRO A 210 39.96 35.03 18.75
C PRO A 210 38.52 34.71 19.15
N THR A 211 37.78 35.67 19.68
CA THR A 211 38.03 37.12 19.47
C THR A 211 38.78 37.83 20.57
N CYS A 212 39.39 37.04 21.44
CA CYS A 212 40.31 37.52 22.47
C CYS A 212 39.69 38.48 23.41
N ASP A 213 38.42 38.27 23.67
CA ASP A 213 37.65 39.17 24.50
C ASP A 213 38.17 39.27 25.92
N GLU A 214 38.20 40.51 26.40
CA GLU A 214 38.83 40.85 27.66
C GLU A 214 37.82 40.75 28.79
N LYS A 215 37.41 39.53 29.06
CA LYS A 215 36.36 39.31 30.02
C LYS A 215 36.61 38.09 30.87
N VAL A 216 37.89 37.74 31.03
CA VAL A 216 38.28 36.53 31.78
C VAL A 216 38.94 36.85 33.10
N VAL A 217 38.40 36.29 34.18
CA VAL A 217 39.11 36.31 35.42
C VAL A 217 39.92 35.02 35.45
N TRP A 218 41.24 35.15 35.53
CA TRP A 218 42.14 34.01 35.37
C TRP A 218 42.55 33.37 36.66
N THR A 219 42.72 32.04 36.66
CA THR A 219 43.29 31.33 37.81
C THR A 219 44.27 30.36 37.24
N VAL A 220 45.51 30.46 37.69
CA VAL A 220 46.61 29.55 37.30
C VAL A 220 47.17 28.91 38.58
N PHE A 221 47.06 27.59 38.67
CA PHE A 221 47.44 26.90 39.89
C PHE A 221 48.94 26.73 39.92
N ARG A 222 49.53 27.03 41.07
CA ARG A 222 50.98 27.06 41.18
C ARG A 222 51.62 25.70 40.87
N GLU A 223 50.95 24.63 41.23
CA GLU A 223 51.48 23.28 41.04
C GLU A 223 50.99 22.55 39.77
N PRO A 224 51.92 22.02 38.92
CA PRO A 224 51.56 21.21 37.74
C PRO A 224 50.87 19.89 38.03
N ILE A 225 50.07 19.44 37.06
CA ILE A 225 49.56 18.09 36.98
C ILE A 225 50.62 17.25 36.30
N GLN A 226 50.63 15.96 36.58
CA GLN A 226 51.55 15.05 35.95
C GLN A 226 50.81 14.06 35.10
N LEU A 227 51.29 13.91 33.86
CA LEU A 227 50.90 12.86 32.95
C LEU A 227 52.15 12.08 32.63
N HIS A 228 52.00 10.86 32.13
CA HIS A 228 53.16 10.15 31.60
C HIS A 228 53.56 10.82 30.35
N ARG A 229 54.85 10.76 30.02
CA ARG A 229 55.36 11.24 28.74
C ARG A 229 54.55 10.79 27.51
N GLU A 230 53.95 9.59 27.60
CA GLU A 230 53.34 8.94 26.44
C GLU A 230 51.92 9.41 26.35
N GLN A 231 51.35 9.86 27.46
CA GLN A 231 50.04 10.45 27.40
C GLN A 231 50.16 11.83 26.75
N ILE A 232 51.17 12.60 27.16
CA ILE A 232 51.39 13.91 26.59
C ILE A 232 51.53 13.74 25.10
N LEU A 233 52.32 12.73 24.73
CA LEU A 233 52.70 12.53 23.34
C LEU A 233 51.55 12.11 22.44
N ALA A 234 50.53 11.47 23.02
CA ALA A 234 49.32 11.06 22.28
C ALA A 234 48.56 12.26 21.70
N PHE A 235 48.59 13.41 22.39
CA PHE A 235 47.98 14.61 21.80
C PHE A 235 48.59 15.03 20.44
N SER A 236 49.91 15.14 20.34
CA SER A 236 50.54 15.39 19.02
C SER A 236 50.58 14.16 18.10
N GLN A 237 50.53 12.96 18.67
CA GLN A 237 50.51 11.76 17.81
C GLN A 237 49.14 11.35 17.21
N LYS A 238 48.02 11.77 17.79
CA LYS A 238 46.70 11.28 17.35
C LYS A 238 45.83 12.36 16.72
N LEU A 239 46.06 13.63 17.09
CA LEU A 239 45.26 14.74 16.58
C LEU A 239 45.94 15.35 15.35
N TYR A 240 45.13 15.86 14.43
CA TYR A 240 45.64 16.63 13.30
C TYR A 240 44.97 17.97 13.17
N TYR A 241 45.74 18.92 12.63
CA TYR A 241 45.20 20.22 12.25
C TYR A 241 44.44 20.08 10.94
N ASP A 242 44.74 19.03 10.17
CA ASP A 242 44.14 18.84 8.85
C ASP A 242 43.37 17.51 8.66
N LYS A 243 42.27 17.59 7.91
CA LYS A 243 41.46 16.42 7.55
C LYS A 243 42.26 15.32 6.88
N GLU A 244 43.20 15.72 6.03
CA GLU A 244 44.08 14.80 5.33
C GLU A 244 45.04 14.07 6.26
N GLN A 245 45.25 14.60 7.46
CA GLN A 245 45.98 13.93 8.53
C GLN A 245 47.46 13.86 8.23
N THR A 246 47.99 14.94 7.65
CA THR A 246 49.43 15.07 7.44
C THR A 246 50.06 15.96 8.51
N VAL A 247 49.36 17.06 8.85
CA VAL A 247 49.84 18.05 9.83
C VAL A 247 49.36 17.70 11.24
N SER A 248 50.31 17.36 12.11
CA SER A 248 50.05 16.98 13.50
C SER A 248 49.69 18.21 14.32
N MET A 249 48.64 18.08 15.13
CA MET A 249 48.21 19.12 16.05
C MET A 249 49.19 19.26 17.19
N LYS A 250 49.99 20.32 17.14
CA LYS A 250 50.86 20.71 18.25
C LYS A 250 51.17 22.19 18.22
N ASP A 251 51.71 22.71 19.32
CA ASP A 251 52.03 24.16 19.41
C ASP A 251 50.82 25.07 19.16
N ASN A 252 49.65 24.56 19.56
CA ASN A 252 48.41 25.32 19.58
C ASN A 252 48.41 26.30 20.76
N VAL A 253 49.45 27.13 20.81
CA VAL A 253 49.66 28.07 21.90
C VAL A 253 49.89 29.50 21.38
N ARG A 254 49.20 30.45 21.99
CA ARG A 254 49.32 31.88 21.71
C ARG A 254 50.60 32.51 22.35
N PRO A 255 51.32 33.37 21.59
CA PRO A 255 52.53 33.98 22.16
C PRO A 255 52.11 34.77 23.38
N LEU A 256 53.05 34.95 24.30
CA LEU A 256 52.83 35.72 25.50
C LEU A 256 52.45 37.14 25.18
N GLN A 257 51.74 37.77 26.11
CA GLN A 257 51.20 39.11 25.96
C GLN A 257 51.75 39.90 27.12
N GLN A 258 51.81 41.22 26.99
CA GLN A 258 52.36 42.03 28.10
C GLN A 258 51.36 42.37 29.19
N LEU A 259 51.89 42.37 30.40
CA LEU A 259 51.12 42.57 31.60
C LEU A 259 50.53 43.98 31.58
N GLY A 260 51.33 44.94 31.12
CA GLY A 260 50.91 46.33 31.09
C GLY A 260 50.64 46.83 32.50
N GLN A 261 49.49 47.46 32.63
CA GLN A 261 49.00 48.08 33.86
C GLN A 261 48.37 47.08 34.84
N ARG A 262 48.50 45.79 34.55
CA ARG A 262 47.90 44.84 35.45
C ARG A 262 48.89 44.43 36.56
N THR A 263 48.33 44.01 37.68
CA THR A 263 49.08 43.23 38.66
C THR A 263 48.52 41.82 38.60
N VAL A 264 49.28 40.86 39.14
CA VAL A 264 48.84 39.52 39.47
C VAL A 264 48.87 39.41 41.00
N ILE A 265 47.78 38.91 41.60
CA ILE A 265 47.74 38.54 43.03
C ILE A 265 47.80 37.03 43.19
N LYS A 266 47.92 36.53 44.42
CA LYS A 266 47.95 35.07 44.73
C LYS A 266 47.39 34.71 46.11
N SER A 267 46.84 33.49 46.22
CA SER A 267 46.13 33.02 47.40
C SER A 267 46.99 32.98 48.66
N GLU B 3 25.68 -6.77 -9.60
CA GLU B 3 26.93 -6.95 -8.79
C GLU B 3 26.95 -6.05 -7.53
N SER B 4 26.40 -6.59 -6.45
CA SER B 4 26.36 -6.01 -5.10
C SER B 4 25.37 -4.86 -4.85
N HIS B 5 25.42 -3.78 -5.63
CA HIS B 5 24.51 -2.67 -5.38
C HIS B 5 23.08 -3.13 -5.51
N TRP B 6 22.27 -2.77 -4.51
CA TRP B 6 20.88 -3.17 -4.45
C TRP B 6 19.99 -1.99 -4.37
N CYS B 7 18.74 -2.16 -4.79
CA CYS B 7 17.81 -1.03 -4.81
C CYS B 7 16.38 -1.45 -4.54
N TYR B 8 15.49 -0.48 -4.47
CA TYR B 8 14.08 -0.80 -4.38
C TYR B 8 13.47 -0.84 -5.79
N GLU B 9 12.28 -1.43 -5.90
CA GLU B 9 11.69 -1.66 -7.20
C GLU B 9 11.68 -0.35 -7.99
N VAL B 10 11.24 0.76 -7.38
CA VAL B 10 11.11 2.04 -8.10
C VAL B 10 12.44 2.66 -8.44
N GLN B 11 13.42 2.36 -7.61
CA GLN B 11 14.71 3.04 -7.63
C GLN B 11 15.54 2.59 -8.83
N ALA B 12 15.15 1.47 -9.43
CA ALA B 12 15.85 0.90 -10.60
C ALA B 12 15.16 1.29 -11.92
N GLU B 13 14.72 2.54 -11.98
CA GLU B 13 14.10 3.13 -13.18
C GLU B 13 14.49 4.61 -13.19
N SER B 14 15.12 5.02 -12.09
CA SER B 14 15.76 6.32 -11.95
C SER B 14 17.22 6.46 -12.38
N SER B 15 18.15 5.89 -11.60
CA SER B 15 19.36 5.22 -12.02
C SER B 15 18.78 3.92 -12.55
N ASN B 16 18.97 3.68 -13.83
CA ASN B 16 18.34 2.60 -14.62
C ASN B 16 18.85 1.18 -14.39
N TYR B 17 18.81 0.67 -13.16
CA TYR B 17 19.19 -0.75 -12.87
C TYR B 17 20.69 -1.25 -12.79
N PRO B 18 21.61 -0.50 -12.22
CA PRO B 18 22.96 -1.04 -12.09
C PRO B 18 22.98 -1.75 -10.76
N CYS B 19 21.83 -2.30 -10.37
CA CYS B 19 21.55 -2.68 -8.99
C CYS B 19 20.43 -3.70 -8.95
N LEU B 20 20.48 -4.55 -7.94
CA LEU B 20 19.53 -5.63 -7.81
C LEU B 20 18.19 -5.10 -7.29
N VAL B 21 17.10 -5.43 -7.99
CA VAL B 21 15.76 -5.15 -7.48
C VAL B 21 15.43 -6.20 -6.43
N PRO B 22 14.40 -5.96 -5.62
CA PRO B 22 14.19 -6.88 -4.49
C PRO B 22 14.10 -8.38 -4.83
N VAL B 23 13.30 -8.75 -5.83
CA VAL B 23 13.14 -10.19 -6.15
C VAL B 23 14.47 -10.79 -6.64
N LYS B 24 15.44 -9.93 -6.95
CA LYS B 24 16.77 -10.38 -7.31
C LYS B 24 17.88 -10.07 -6.32
N TRP B 25 17.55 -9.55 -5.12
CA TRP B 25 18.60 -9.35 -4.09
C TRP B 25 19.24 -10.72 -3.75
N GLY B 26 20.51 -10.72 -3.37
CA GLY B 26 21.26 -11.95 -3.19
C GLY B 26 21.28 -12.41 -1.76
N GLY B 27 22.44 -12.89 -1.33
CA GLY B 27 22.57 -13.54 -0.03
C GLY B 27 21.33 -14.30 0.37
N ASN B 28 20.92 -14.04 1.62
CA ASN B 28 19.83 -14.74 2.27
C ASN B 28 18.40 -14.27 1.95
N CYS B 29 18.26 -13.34 1.00
CA CYS B 29 16.94 -12.75 0.73
C CYS B 29 15.90 -13.71 0.15
N GLN B 30 16.35 -14.85 -0.36
CA GLN B 30 15.46 -15.78 -1.03
C GLN B 30 15.07 -16.95 -0.18
N LYS B 31 15.45 -16.92 1.09
CA LYS B 31 15.14 -18.00 2.03
C LYS B 31 13.75 -17.88 2.67
N ASP B 32 13.50 -18.64 3.73
CA ASP B 32 12.13 -18.98 4.11
C ASP B 32 11.56 -18.35 5.38
N ARG B 33 12.39 -17.65 6.15
CA ARG B 33 11.92 -16.99 7.38
C ARG B 33 12.17 -15.49 7.26
N GLN B 34 11.67 -14.93 6.16
CA GLN B 34 11.98 -13.55 5.76
C GLN B 34 11.00 -12.48 6.28
N SER B 35 11.44 -11.23 6.21
CA SER B 35 10.65 -10.10 6.67
C SER B 35 10.64 -9.05 5.59
N PRO B 36 9.59 -8.22 5.51
CA PRO B 36 8.40 -8.03 6.34
C PRO B 36 7.23 -9.00 6.05
N ILE B 37 6.27 -9.06 6.98
CA ILE B 37 5.07 -9.87 6.84
C ILE B 37 3.80 -9.11 7.09
N ASN B 38 2.72 -9.73 6.64
CA ASN B 38 1.42 -9.28 7.04
C ASN B 38 1.00 -10.02 8.32
N ILE B 39 0.47 -9.25 9.26
CA ILE B 39 0.06 -9.80 10.53
C ILE B 39 -1.45 -9.89 10.53
N VAL B 40 -1.95 -11.11 10.72
CA VAL B 40 -3.38 -11.29 10.89
C VAL B 40 -3.63 -11.18 12.37
N THR B 41 -4.17 -10.03 12.81
CA THR B 41 -4.30 -9.69 14.22
C THR B 41 -5.15 -10.69 15.01
N THR B 42 -6.18 -11.23 14.38
CA THR B 42 -7.05 -12.15 15.09
C THR B 42 -6.43 -13.53 15.14
N LYS B 43 -5.38 -13.74 14.36
CA LYS B 43 -4.73 -15.05 14.37
C LYS B 43 -3.45 -15.10 15.20
N ALA B 44 -3.07 -13.98 15.80
CA ALA B 44 -1.94 -13.96 16.73
C ALA B 44 -2.48 -14.14 18.15
N LYS B 45 -1.78 -14.96 18.94
CA LYS B 45 -2.29 -15.44 20.23
C LYS B 45 -1.60 -14.84 21.45
N VAL B 46 -2.39 -14.40 22.43
CA VAL B 46 -1.83 -13.84 23.65
C VAL B 46 -0.79 -14.83 24.20
N ASP B 47 0.39 -14.32 24.51
CA ASP B 47 1.41 -15.07 25.20
C ASP B 47 1.72 -14.20 26.41
N LYS B 48 1.53 -14.75 27.61
CA LYS B 48 1.73 -13.96 28.83
C LYS B 48 3.19 -13.71 29.24
N LYS B 49 4.12 -14.46 28.66
CA LYS B 49 5.54 -14.20 28.83
C LYS B 49 5.94 -12.85 28.18
N LEU B 50 5.00 -12.21 27.49
CA LEU B 50 5.25 -10.95 26.79
C LEU B 50 4.92 -9.73 27.65
N GLY B 51 5.81 -9.45 28.60
CA GLY B 51 5.62 -8.36 29.55
C GLY B 51 5.95 -7.01 28.93
N ARG B 52 6.10 -6.01 29.78
CA ARG B 52 6.32 -4.66 29.28
C ARG B 52 7.80 -4.40 28.93
N PHE B 53 8.09 -3.53 27.97
CA PHE B 53 9.51 -3.22 27.67
C PHE B 53 10.02 -2.25 28.70
N PHE B 54 11.32 -2.32 28.96
CA PHE B 54 11.92 -1.36 29.84
C PHE B 54 12.94 -0.58 29.05
N PHE B 55 12.96 0.71 29.28
CA PHE B 55 13.91 1.57 28.59
C PHE B 55 14.99 2.11 29.50
N SER B 56 16.22 2.10 29.00
CA SER B 56 17.35 2.80 29.61
C SER B 56 17.99 3.72 28.57
N GLY B 57 18.13 4.99 28.95
CA GLY B 57 18.82 5.95 28.09
C GLY B 57 17.87 6.65 27.13
N TYR B 58 16.65 6.14 27.02
CA TYR B 58 15.67 6.65 26.07
C TYR B 58 15.22 8.05 26.42
N ASP B 59 15.39 8.42 27.70
CA ASP B 59 15.06 9.76 28.20
C ASP B 59 16.14 10.84 28.08
N LYS B 60 17.40 10.43 28.08
CA LYS B 60 18.52 11.36 28.01
C LYS B 60 18.54 12.13 26.69
N LYS B 61 18.60 13.46 26.77
CA LYS B 61 18.71 14.35 25.59
C LYS B 61 20.09 14.20 24.89
N GLN B 62 20.15 14.36 23.58
CA GLN B 62 21.44 14.24 22.86
C GLN B 62 21.48 15.01 21.55
N THR B 63 22.63 14.95 20.89
CA THR B 63 22.77 15.51 19.60
C THR B 63 23.15 14.35 18.69
N TRP B 64 22.14 13.69 18.16
CA TRP B 64 22.33 12.55 17.32
C TRP B 64 22.87 12.93 15.99
N THR B 65 23.77 12.09 15.50
CA THR B 65 24.18 12.10 14.09
C THR B 65 23.18 11.34 13.19
N VAL B 66 22.60 12.07 12.24
CA VAL B 66 21.68 11.53 11.23
C VAL B 66 22.24 11.57 9.79
N GLN B 67 22.12 10.45 9.08
CA GLN B 67 22.67 10.33 7.72
C GLN B 67 21.65 9.90 6.67
N ASN B 68 21.83 10.40 5.45
CA ASN B 68 21.22 9.88 4.23
C ASN B 68 22.17 8.86 3.61
N ASN B 69 21.82 7.59 3.70
CA ASN B 69 22.71 6.52 3.24
C ASN B 69 22.35 5.99 1.84
N GLY B 70 21.54 6.74 1.10
CA GLY B 70 21.08 6.27 -0.21
C GLY B 70 19.91 5.28 -0.26
N HIS B 71 19.52 4.77 0.91
CA HIS B 71 18.39 3.83 0.99
C HIS B 71 17.40 4.25 2.01
N SER B 72 17.86 5.13 2.90
CA SER B 72 17.06 5.64 3.99
C SER B 72 17.72 6.85 4.66
N VAL B 73 16.99 7.47 5.59
CA VAL B 73 17.59 8.33 6.61
C VAL B 73 17.84 7.55 7.91
N MET B 74 19.04 7.70 8.49
CA MET B 74 19.47 6.94 9.63
C MET B 74 20.12 7.73 10.76
N MET B 75 19.55 7.64 11.95
CA MET B 75 20.21 8.14 13.14
C MET B 75 21.12 7.08 13.71
N LEU B 76 22.36 7.48 14.02
CA LEU B 76 23.31 6.59 14.65
C LEU B 76 23.12 6.63 16.15
N LEU B 77 22.88 5.46 16.76
CA LEU B 77 22.64 5.43 18.22
C LEU B 77 23.86 5.06 19.11
N GLU B 78 24.92 4.55 18.50
CA GLU B 78 26.20 4.44 19.17
C GLU B 78 26.09 3.94 20.60
N ASN B 79 25.37 2.82 20.77
CA ASN B 79 25.14 2.20 22.09
C ASN B 79 24.61 3.10 23.22
N LYS B 80 24.13 4.28 22.89
CA LYS B 80 23.77 5.21 23.98
C LYS B 80 22.43 4.91 24.69
N ALA B 81 21.82 3.76 24.38
CA ALA B 81 20.52 3.39 24.97
C ALA B 81 20.34 1.90 24.88
N SER B 82 19.41 1.37 25.66
CA SER B 82 19.09 -0.07 25.59
C SER B 82 17.67 -0.41 25.97
N ILE B 83 17.27 -1.67 25.76
CA ILE B 83 15.93 -2.07 26.16
C ILE B 83 16.03 -3.42 26.85
N SER B 84 14.99 -3.77 27.62
CA SER B 84 14.93 -5.07 28.26
C SER B 84 13.48 -5.39 28.48
N GLY B 85 13.20 -6.62 28.91
CA GLY B 85 11.84 -7.02 29.15
C GLY B 85 11.16 -7.39 27.86
N GLY B 86 9.92 -6.95 27.73
CA GLY B 86 9.11 -7.30 26.57
C GLY B 86 9.42 -8.69 26.06
N GLY B 87 9.44 -9.67 26.96
CA GLY B 87 9.61 -11.06 26.55
C GLY B 87 10.94 -11.47 25.98
N LEU B 88 11.89 -10.53 25.92
CA LEU B 88 13.25 -10.76 25.42
C LEU B 88 14.18 -11.45 26.45
N PRO B 89 15.18 -12.20 25.95
CA PRO B 89 16.01 -13.05 26.82
C PRO B 89 17.17 -12.33 27.47
N ALA B 90 17.42 -11.07 27.08
CA ALA B 90 18.59 -10.33 27.54
C ALA B 90 18.43 -8.84 27.25
N PRO B 91 19.32 -8.00 27.79
CA PRO B 91 19.28 -6.58 27.41
C PRO B 91 19.65 -6.42 25.94
N TYR B 92 19.43 -5.24 25.35
CA TYR B 92 19.78 -5.00 23.95
C TYR B 92 20.20 -3.55 23.72
N GLN B 93 21.37 -3.34 23.13
N GLN B 93 21.33 -3.37 23.06
CA GLN B 93 21.91 -2.00 22.98
CA GLN B 93 21.97 -2.06 22.88
C GLN B 93 21.40 -1.38 21.68
C GLN B 93 21.44 -1.35 21.62
N ALA B 94 20.95 -0.14 21.79
CA ALA B 94 20.42 0.60 20.65
C ALA B 94 21.57 0.92 19.68
N LYS B 95 21.41 0.53 18.40
CA LYS B 95 22.42 0.75 17.38
C LYS B 95 22.12 1.85 16.37
N GLN B 96 20.92 1.82 15.77
CA GLN B 96 20.50 2.90 14.87
C GLN B 96 18.97 2.97 14.85
N LEU B 97 18.47 4.01 14.24
CA LEU B 97 17.07 4.22 14.08
C LEU B 97 16.97 4.71 12.57
N HIS B 98 16.03 4.16 11.79
CA HIS B 98 15.89 4.55 10.38
C HIS B 98 14.46 4.44 10.03
N LEU B 99 14.07 5.03 8.90
CA LEU B 99 12.64 4.97 8.47
C LEU B 99 12.38 4.44 7.02
N HIS B 100 11.11 4.10 6.71
CA HIS B 100 10.70 3.61 5.40
C HIS B 100 9.44 4.37 5.11
N TRP B 101 9.17 4.79 3.87
CA TRP B 101 7.98 5.62 3.63
C TRP B 101 7.58 5.76 2.20
N SER B 102 6.40 6.31 1.97
CA SER B 102 5.98 6.67 0.61
C SER B 102 5.49 8.12 0.61
N ASP B 103 4.74 8.52 -0.40
CA ASP B 103 4.11 9.85 -0.42
C ASP B 103 2.57 9.72 -0.48
N LEU B 104 2.10 8.47 -0.44
CA LEU B 104 0.68 8.15 -0.30
C LEU B 104 0.44 7.35 1.00
N PRO B 105 -0.69 7.58 1.68
CA PRO B 105 -0.86 7.02 3.04
C PRO B 105 -1.06 5.51 3.11
N TYR B 106 -1.41 4.90 1.98
CA TYR B 106 -1.82 3.48 1.98
C TYR B 106 -0.67 2.52 1.62
N LYS B 107 0.57 3.05 1.47
CA LYS B 107 1.68 2.18 1.03
C LYS B 107 3.12 2.33 1.61
N GLY B 108 3.28 3.09 2.70
CA GLY B 108 4.65 3.42 3.18
C GLY B 108 5.29 2.51 4.23
N SER B 109 4.53 1.66 4.90
CA SER B 109 5.13 0.82 5.89
C SER B 109 5.61 -0.47 5.20
N GLU B 110 6.38 -1.28 5.92
CA GLU B 110 6.87 -2.51 5.38
C GLU B 110 6.00 -3.64 5.88
N HIS B 111 5.70 -3.64 7.17
CA HIS B 111 4.73 -4.58 7.68
C HIS B 111 3.38 -4.02 7.37
N SER B 112 2.41 -4.91 7.19
CA SER B 112 1.01 -4.48 7.11
C SER B 112 0.23 -5.10 8.29
N LEU B 113 -0.88 -4.50 8.69
CA LEU B 113 -1.74 -5.05 9.75
C LEU B 113 -3.13 -5.37 9.17
N ASP B 114 -3.56 -6.62 9.31
CA ASP B 114 -4.77 -7.08 8.59
C ASP B 114 -4.94 -6.40 7.21
N GLY B 115 -3.88 -6.45 6.41
CA GLY B 115 -3.89 -5.93 5.02
C GLY B 115 -3.67 -4.43 4.84
N GLU B 116 -3.61 -3.70 5.95
CA GLU B 116 -3.40 -2.23 5.92
C GLU B 116 -1.93 -1.81 6.10
N HIS B 117 -1.47 -0.93 5.23
CA HIS B 117 -0.12 -0.33 5.28
C HIS B 117 -0.31 1.04 5.76
N PHE B 118 0.73 1.64 6.33
CA PHE B 118 0.64 2.98 6.89
C PHE B 118 1.48 4.00 6.12
N ALA B 119 1.53 5.22 6.58
CA ALA B 119 2.29 6.20 5.81
C ALA B 119 3.81 5.99 5.93
N MET B 120 4.29 5.53 7.10
CA MET B 120 5.72 5.24 7.31
C MET B 120 5.92 4.11 8.29
N GLU B 121 7.12 3.53 8.35
CA GLU B 121 7.41 2.69 9.45
C GLU B 121 8.82 3.00 10.01
N MET B 122 8.96 3.12 11.33
CA MET B 122 10.18 3.50 11.99
C MET B 122 10.73 2.24 12.66
N HIS B 123 12.03 1.96 12.43
CA HIS B 123 12.69 0.77 12.97
C HIS B 123 13.77 1.22 13.92
N ILE B 124 13.68 0.79 15.19
CA ILE B 124 14.74 1.08 16.14
C ILE B 124 15.54 -0.18 16.33
N VAL B 125 16.75 -0.19 15.76
CA VAL B 125 17.59 -1.39 15.69
C VAL B 125 18.54 -1.63 16.90
N HIS B 126 18.47 -2.82 17.50
CA HIS B 126 19.25 -3.16 18.70
C HIS B 126 19.99 -4.44 18.52
N GLU B 127 21.14 -4.59 19.19
CA GLU B 127 21.89 -5.84 19.18
C GLU B 127 22.07 -6.46 20.58
N LYS B 128 22.09 -7.78 20.65
CA LYS B 128 22.11 -8.53 21.92
C LYS B 128 23.43 -8.32 22.65
N GLU B 129 23.35 -8.20 23.98
CA GLU B 129 24.53 -8.13 24.88
C GLU B 129 25.45 -9.32 24.66
N LYS B 130 26.74 -9.15 24.96
CA LYS B 130 27.70 -10.25 24.96
C LYS B 130 28.03 -10.65 26.40
N GLY B 131 27.02 -10.56 27.27
CA GLY B 131 27.18 -10.80 28.70
C GLY B 131 27.46 -12.25 29.03
N ASP B 141 23.82 -20.46 15.22
CA ASP B 141 23.29 -19.43 14.32
C ASP B 141 21.93 -18.91 14.82
N PRO B 142 21.97 -17.80 15.58
CA PRO B 142 20.91 -17.36 16.48
C PRO B 142 19.77 -16.65 15.74
N GLU B 143 18.56 -16.73 16.28
CA GLU B 143 17.41 -16.14 15.61
C GLU B 143 16.99 -14.75 16.16
N ASP B 144 17.65 -14.30 17.21
CA ASP B 144 17.29 -13.10 17.99
C ASP B 144 18.52 -12.28 18.32
N GLU B 145 19.51 -12.32 17.44
CA GLU B 145 20.70 -11.54 17.57
C GLU B 145 20.37 -10.09 17.38
N ILE B 146 19.25 -9.78 16.70
CA ILE B 146 18.86 -8.39 16.56
C ILE B 146 17.43 -8.20 16.97
N ALA B 147 17.16 -7.19 17.77
CA ALA B 147 15.77 -6.85 18.05
C ALA B 147 15.41 -5.55 17.35
N VAL B 148 14.43 -5.57 16.48
CA VAL B 148 13.86 -4.31 16.01
C VAL B 148 12.54 -3.97 16.72
N LEU B 149 12.47 -2.76 17.29
CA LEU B 149 11.20 -2.10 17.57
C LEU B 149 10.66 -1.40 16.31
N ALA B 150 9.46 -1.79 15.90
CA ALA B 150 8.86 -1.15 14.76
C ALA B 150 7.59 -0.41 15.12
N PHE B 151 7.53 0.84 14.71
CA PHE B 151 6.34 1.64 14.87
C PHE B 151 5.82 2.02 13.50
N LEU B 152 4.59 1.64 13.23
CA LEU B 152 3.84 2.12 12.12
C LEU B 152 3.52 3.58 12.36
N VAL B 153 3.63 4.38 11.31
CA VAL B 153 3.34 5.81 11.35
C VAL B 153 2.11 6.16 10.50
N GLU B 154 1.27 7.09 10.98
CA GLU B 154 0.13 7.65 10.19
C GLU B 154 -0.01 9.17 10.31
N ALA B 155 -0.75 9.78 9.38
CA ALA B 155 -1.00 11.22 9.42
C ALA B 155 -1.95 11.61 10.55
N GLY B 156 -1.63 12.71 11.22
CA GLY B 156 -2.49 13.33 12.25
C GLY B 156 -2.70 14.82 12.00
N THR B 157 -3.49 15.47 12.88
CA THR B 157 -3.81 16.89 12.73
C THR B 157 -2.78 17.88 13.25
N GLN B 158 -1.90 17.45 14.16
CA GLN B 158 -0.85 18.38 14.55
C GLN B 158 0.60 17.91 14.50
N VAL B 159 1.51 18.87 14.72
CA VAL B 159 2.95 18.63 14.72
C VAL B 159 3.25 17.71 15.90
N ASN B 160 3.78 16.52 15.59
CA ASN B 160 4.47 15.74 16.61
C ASN B 160 5.81 16.47 16.82
N GLU B 161 5.88 17.32 17.85
CA GLU B 161 7.01 18.25 18.04
C GLU B 161 8.30 17.49 18.35
N GLY B 162 8.16 16.35 19.02
CA GLY B 162 9.30 15.47 19.29
C GLY B 162 10.07 15.04 18.04
N PHE B 163 9.38 15.04 16.90
CA PHE B 163 9.98 14.64 15.64
C PHE B 163 10.62 15.82 14.93
N GLN B 164 10.36 17.02 15.46
CA GLN B 164 10.80 18.23 14.76
C GLN B 164 12.31 18.34 14.56
N PRO B 165 13.13 18.00 15.58
CA PRO B 165 14.56 17.99 15.36
C PRO B 165 15.00 17.10 14.18
N LEU B 166 14.45 15.88 14.10
CA LEU B 166 14.69 14.95 12.98
C LEU B 166 14.20 15.56 11.67
N VAL B 167 12.94 15.99 11.62
CA VAL B 167 12.40 16.62 10.39
C VAL B 167 13.26 17.81 9.92
N GLU B 168 13.67 18.67 10.85
CA GLU B 168 14.54 19.80 10.54
C GLU B 168 15.92 19.45 9.97
N ALA B 169 16.58 18.44 10.53
CA ALA B 169 17.89 17.98 10.07
C ALA B 169 17.89 17.45 8.64
N LEU B 170 16.72 17.23 8.06
CA LEU B 170 16.64 16.59 6.76
C LEU B 170 17.03 17.56 5.68
N SER B 171 16.70 18.84 5.88
CA SER B 171 17.15 19.93 4.97
C SER B 171 18.65 19.87 4.68
N ASN B 172 19.43 19.42 5.66
CA ASN B 172 20.91 19.32 5.53
C ASN B 172 21.51 17.96 5.08
N ILE B 173 20.67 17.06 4.58
CA ILE B 173 21.19 15.77 4.10
C ILE B 173 20.39 15.18 2.89
N PRO B 174 20.23 15.95 1.77
CA PRO B 174 19.39 15.40 0.70
C PRO B 174 20.09 14.34 -0.15
N LYS B 175 21.43 14.34 -0.15
CA LYS B 175 22.21 13.47 -1.00
C LYS B 175 22.58 12.20 -0.26
N PRO B 176 22.62 11.04 -0.98
CA PRO B 176 23.20 9.90 -0.32
C PRO B 176 24.57 10.33 0.16
N GLU B 177 24.94 9.86 1.35
CA GLU B 177 26.28 10.04 1.92
C GLU B 177 26.57 11.41 2.55
N MET B 178 25.55 12.26 2.65
CA MET B 178 25.59 13.43 3.55
C MET B 178 25.26 13.07 5.01
N SER B 179 25.86 13.82 5.95
CA SER B 179 25.70 13.62 7.39
C SER B 179 25.46 14.95 8.12
N THR B 180 24.70 14.94 9.22
CA THR B 180 24.56 16.15 10.04
C THR B 180 24.33 15.82 11.52
N THR B 181 24.12 16.84 12.35
CA THR B 181 23.80 16.68 13.76
C THR B 181 22.41 17.29 13.99
N MET B 182 21.58 16.60 14.77
CA MET B 182 20.26 17.14 15.10
C MET B 182 20.39 18.05 16.31
N ALA B 183 19.50 19.03 16.41
CA ALA B 183 19.24 19.69 17.69
C ALA B 183 18.99 18.62 18.78
N GLU B 184 19.28 18.97 20.05
CA GLU B 184 19.01 18.10 21.20
C GLU B 184 17.67 17.38 21.12
N SER B 185 17.68 16.11 21.49
CA SER B 185 16.52 15.24 21.34
C SER B 185 16.78 14.03 22.18
N SER B 186 15.68 13.36 22.54
CA SER B 186 15.73 12.04 23.16
C SER B 186 14.96 11.07 22.29
N LEU B 187 15.20 9.79 22.56
CA LEU B 187 14.45 8.75 21.90
C LEU B 187 12.96 8.71 22.34
N LEU B 188 12.68 9.05 23.61
CA LEU B 188 11.30 9.11 24.12
C LEU B 188 10.46 10.13 23.36
N ASP B 189 11.09 11.23 22.94
CA ASP B 189 10.47 12.24 22.09
C ASP B 189 9.79 11.76 20.81
N LEU B 190 10.35 10.71 20.20
CA LEU B 190 9.78 10.12 18.99
C LEU B 190 8.63 9.14 19.32
N LEU B 191 8.65 8.55 20.50
CA LEU B 191 7.75 7.45 20.86
C LEU B 191 6.40 7.91 21.43
N PRO B 192 5.36 7.06 21.33
CA PRO B 192 4.08 7.40 21.97
C PRO B 192 4.19 7.16 23.48
N LYS B 193 3.25 7.69 24.26
CA LYS B 193 3.16 7.42 25.72
C LYS B 193 3.12 5.91 26.01
N GLU B 194 3.72 5.47 27.12
CA GLU B 194 3.95 4.01 27.29
C GLU B 194 2.76 3.15 27.77
N GLU B 195 1.61 3.78 27.96
CA GLU B 195 0.34 3.05 28.09
C GLU B 195 -0.01 2.50 26.71
N LYS B 196 0.58 3.11 25.69
CA LYS B 196 0.32 2.78 24.31
C LYS B 196 1.41 1.86 23.74
N LEU B 197 2.24 1.35 24.62
CA LEU B 197 3.30 0.41 24.26
C LEU B 197 3.05 -0.97 24.88
N ARG B 198 1.90 -1.08 25.51
CA ARG B 198 1.39 -2.32 26.06
C ARG B 198 1.17 -3.38 24.96
N HIS B 199 0.55 -2.96 23.86
CA HIS B 199 0.11 -3.89 22.83
C HIS B 199 1.05 -4.05 21.66
N TYR B 200 1.60 -5.25 21.52
CA TYR B 200 2.55 -5.50 20.46
C TYR B 200 2.56 -6.95 19.98
N PHE B 201 2.90 -7.08 18.69
CA PHE B 201 3.07 -8.35 17.99
C PHE B 201 4.55 -8.75 17.94
N ARG B 202 4.81 -10.06 17.92
CA ARG B 202 6.11 -10.68 18.03
C ARG B 202 6.24 -11.81 17.02
N TYR B 203 7.32 -11.84 16.27
CA TYR B 203 7.70 -13.02 15.46
C TYR B 203 9.21 -12.99 15.15
N LEU B 204 9.70 -14.11 14.63
CA LEU B 204 11.09 -14.24 14.25
C LEU B 204 11.26 -14.08 12.75
N GLY B 205 12.20 -13.24 12.35
CA GLY B 205 12.38 -12.92 10.94
C GLY B 205 13.75 -12.55 10.45
N SER B 206 13.78 -11.76 9.38
CA SER B 206 15.04 -11.29 8.79
C SER B 206 15.20 -9.77 8.83
N LEU B 207 16.38 -9.28 8.46
CA LEU B 207 16.51 -7.88 8.11
C LEU B 207 15.73 -7.72 6.80
N THR B 208 15.23 -6.50 6.55
CA THR B 208 14.45 -6.22 5.31
C THR B 208 15.33 -5.54 4.25
N THR B 209 16.62 -5.53 4.51
CA THR B 209 17.59 -5.08 3.53
C THR B 209 18.64 -6.19 3.38
N PRO B 210 19.33 -6.25 2.23
CA PRO B 210 20.40 -7.22 2.06
C PRO B 210 21.45 -7.04 3.19
N THR B 211 21.96 -8.12 3.74
CA THR B 211 21.83 -9.45 3.18
C THR B 211 20.72 -10.27 3.80
N CYS B 212 19.65 -9.62 4.27
CA CYS B 212 18.46 -10.33 4.76
C CYS B 212 18.69 -11.46 5.76
N ASP B 213 19.68 -11.25 6.64
CA ASP B 213 20.00 -12.20 7.72
C ASP B 213 18.79 -12.71 8.52
N GLU B 214 18.63 -14.02 8.56
CA GLU B 214 17.54 -14.59 9.34
C GLU B 214 17.82 -14.66 10.86
N LYS B 215 18.13 -13.48 11.40
CA LYS B 215 18.49 -13.34 12.82
C LYS B 215 17.80 -12.22 13.60
N VAL B 216 16.62 -11.78 13.18
CA VAL B 216 15.89 -10.70 13.86
C VAL B 216 14.72 -11.17 14.67
N VAL B 217 14.66 -10.73 15.93
CA VAL B 217 13.43 -10.84 16.69
C VAL B 217 12.67 -9.53 16.60
N TRP B 218 11.52 -9.62 15.93
CA TRP B 218 10.69 -8.51 15.52
C TRP B 218 9.68 -8.20 16.56
N THR B 219 9.39 -6.90 16.69
CA THR B 219 8.32 -6.42 17.52
C THR B 219 7.67 -5.29 16.75
N VAL B 220 6.38 -5.46 16.46
CA VAL B 220 5.56 -4.45 15.84
C VAL B 220 4.44 -4.02 16.78
N PHE B 221 4.44 -2.71 17.09
CA PHE B 221 3.46 -2.12 17.99
C PHE B 221 2.16 -1.84 17.28
N ARG B 222 1.07 -2.13 17.98
CA ARG B 222 -0.28 -2.13 17.40
C ARG B 222 -0.83 -0.73 17.09
N GLU B 223 -0.54 0.23 17.97
CA GLU B 223 -0.99 1.59 17.77
C GLU B 223 0.12 2.41 17.12
N PRO B 224 -0.25 3.23 16.15
CA PRO B 224 0.74 3.91 15.36
C PRO B 224 1.14 5.26 15.97
N ILE B 225 2.35 5.72 15.67
CA ILE B 225 2.76 7.11 15.88
C ILE B 225 1.90 7.93 14.93
N GLN B 226 1.67 9.19 15.30
CA GLN B 226 1.06 10.14 14.38
C GLN B 226 2.03 11.31 14.11
N LEU B 227 2.10 11.71 12.85
CA LEU B 227 2.83 12.90 12.44
C LEU B 227 1.86 13.73 11.67
N HIS B 228 2.22 14.99 11.42
CA HIS B 228 1.47 15.84 10.48
C HIS B 228 1.79 15.39 9.10
N ARG B 229 0.81 15.49 8.19
CA ARG B 229 1.05 15.11 6.80
C ARG B 229 2.35 15.74 6.24
N GLU B 230 2.52 17.05 6.42
CA GLU B 230 3.72 17.78 5.98
C GLU B 230 5.03 17.32 6.62
N GLN B 231 4.95 16.73 7.80
CA GLN B 231 6.12 16.10 8.40
C GLN B 231 6.46 14.78 7.71
N ILE B 232 5.44 14.05 7.27
CA ILE B 232 5.60 12.78 6.56
C ILE B 232 6.10 13.07 5.16
N LEU B 233 5.52 14.12 4.56
CA LEU B 233 5.89 14.52 3.22
C LEU B 233 7.31 15.07 3.13
N ALA B 234 7.79 15.67 4.21
CA ALA B 234 9.16 16.22 4.15
C ALA B 234 10.19 15.14 3.85
N PHE B 235 9.90 13.91 4.25
CA PHE B 235 10.83 12.81 4.00
C PHE B 235 11.02 12.58 2.49
N SER B 236 9.97 12.81 1.70
CA SER B 236 9.99 12.50 0.28
C SER B 236 10.24 13.71 -0.62
N GLN B 237 10.20 14.93 -0.07
CA GLN B 237 10.57 16.09 -0.89
C GLN B 237 11.84 16.75 -0.46
N LYS B 238 12.39 16.30 0.65
CA LYS B 238 13.69 16.81 1.07
C LYS B 238 14.82 15.80 0.97
N LEU B 239 14.51 14.53 0.69
CA LEU B 239 15.56 13.54 0.55
C LEU B 239 15.58 12.94 -0.87
N TYR B 240 16.77 12.63 -1.37
CA TYR B 240 16.91 12.12 -2.74
C TYR B 240 17.68 10.80 -2.79
N TYR B 241 17.30 9.92 -3.72
CA TYR B 241 18.02 8.66 -4.01
C TYR B 241 19.34 8.95 -4.75
N ASP B 242 19.42 10.11 -5.42
CA ASP B 242 20.60 10.50 -6.22
C ASP B 242 21.15 11.92 -5.87
N LYS B 243 22.46 12.10 -6.04
CA LYS B 243 23.13 13.42 -5.90
C LYS B 243 22.50 14.55 -6.73
N GLU B 244 22.28 14.30 -8.02
CA GLU B 244 21.79 15.36 -8.94
C GLU B 244 20.40 15.76 -8.48
N GLN B 245 19.98 15.12 -7.40
CA GLN B 245 18.76 15.49 -6.72
C GLN B 245 17.56 15.57 -7.69
N THR B 246 17.45 14.54 -8.56
CA THR B 246 16.32 14.41 -9.48
C THR B 246 15.31 13.33 -9.06
N VAL B 247 15.76 12.37 -8.26
CA VAL B 247 14.93 11.25 -7.80
C VAL B 247 14.66 11.32 -6.32
N SER B 248 13.39 11.60 -6.00
CA SER B 248 12.93 11.71 -4.62
C SER B 248 13.06 10.38 -3.92
N MET B 249 13.59 10.38 -2.69
CA MET B 249 13.64 9.15 -1.90
C MET B 249 12.22 8.80 -1.38
N LYS B 250 11.64 7.72 -1.89
CA LYS B 250 10.37 7.21 -1.39
C LYS B 250 10.15 5.80 -1.89
N ASP B 251 9.12 5.14 -1.36
CA ASP B 251 8.86 3.72 -1.60
C ASP B 251 10.11 2.89 -1.44
N ASN B 252 10.91 3.30 -0.44
CA ASN B 252 12.03 2.52 0.01
C ASN B 252 11.55 1.39 0.94
N VAL B 253 10.76 0.45 0.42
CA VAL B 253 10.17 -0.63 1.24
C VAL B 253 10.20 -2.00 0.55
N ARG B 254 10.81 -2.96 1.19
CA ARG B 254 10.82 -4.34 0.72
C ARG B 254 9.37 -4.85 0.50
N PRO B 255 9.12 -5.64 -0.56
CA PRO B 255 7.75 -6.17 -0.73
C PRO B 255 7.47 -7.18 0.38
N LEU B 256 6.20 -7.40 0.69
CA LEU B 256 5.81 -8.43 1.67
C LEU B 256 6.37 -9.79 1.37
N GLN B 257 6.64 -10.54 2.42
CA GLN B 257 7.22 -11.87 2.36
C GLN B 257 6.26 -12.85 3.03
N GLN B 258 6.34 -14.12 2.66
CA GLN B 258 5.29 -15.05 3.09
C GLN B 258 5.67 -15.68 4.42
N LEU B 259 4.68 -15.85 5.29
CA LEU B 259 4.92 -16.34 6.65
C LEU B 259 5.57 -17.73 6.72
N GLY B 260 5.09 -18.67 5.90
CA GLY B 260 5.54 -20.09 6.00
C GLY B 260 5.17 -20.74 7.34
N GLN B 261 6.16 -21.39 7.96
CA GLN B 261 5.99 -22.18 9.20
C GLN B 261 5.78 -21.39 10.49
N ARG B 262 6.15 -20.11 10.48
CA ARG B 262 6.14 -19.28 11.68
C ARG B 262 4.73 -18.84 12.12
N THR B 263 4.56 -18.56 13.42
CA THR B 263 3.38 -17.85 13.88
C THR B 263 3.84 -16.51 14.43
N VAL B 264 2.92 -15.54 14.39
CA VAL B 264 3.00 -14.37 15.20
C VAL B 264 2.35 -14.69 16.57
N ILE B 265 2.84 -14.04 17.63
CA ILE B 265 2.16 -13.93 18.94
C ILE B 265 2.02 -12.49 19.40
N LYS B 266 1.13 -12.23 20.35
CA LYS B 266 0.91 -10.88 20.82
C LYS B 266 0.87 -10.72 22.33
N SER B 267 1.27 -9.56 22.82
CA SER B 267 1.28 -9.26 24.24
C SER B 267 -0.13 -9.20 24.86
N GLU C 3 -6.46 0.99 -31.66
CA GLU C 3 -6.28 0.47 -30.27
C GLU C 3 -6.64 -1.00 -30.16
N SER C 4 -6.02 -1.69 -29.21
CA SER C 4 -6.38 -3.06 -28.87
C SER C 4 -7.21 -3.10 -27.57
N HIS C 5 -7.39 -4.30 -27.02
CA HIS C 5 -8.24 -4.49 -25.84
C HIS C 5 -7.49 -4.30 -24.55
N TRP C 6 -8.18 -4.57 -23.44
CA TRP C 6 -7.60 -4.50 -22.10
C TRP C 6 -7.09 -5.86 -21.71
N CYS C 7 -6.24 -5.90 -20.68
CA CYS C 7 -5.76 -7.17 -20.10
C CYS C 7 -5.33 -7.10 -18.63
N TYR C 8 -4.95 -8.25 -18.08
CA TYR C 8 -4.28 -8.34 -16.79
C TYR C 8 -2.76 -8.20 -16.93
N GLU C 9 -2.11 -7.69 -15.88
CA GLU C 9 -0.65 -7.70 -15.75
C GLU C 9 0.06 -8.88 -16.42
N VAL C 10 -0.45 -10.08 -16.13
CA VAL C 10 0.20 -11.37 -16.44
C VAL C 10 0.10 -11.73 -17.92
N GLN C 11 -0.70 -10.96 -18.65
CA GLN C 11 -0.88 -11.17 -20.09
C GLN C 11 0.05 -10.30 -20.91
N ALA C 12 0.28 -9.07 -20.44
CA ALA C 12 1.01 -8.04 -21.21
C ALA C 12 2.48 -8.38 -21.37
N GLU C 13 3.05 -8.98 -20.34
CA GLU C 13 4.47 -9.35 -20.25
C GLU C 13 4.80 -10.65 -21.01
N SER C 14 3.77 -11.50 -21.16
CA SER C 14 3.88 -12.79 -21.85
C SER C 14 3.02 -12.79 -23.10
N SER C 15 3.35 -11.89 -24.04
CA SER C 15 2.66 -11.78 -25.33
C SER C 15 3.48 -10.85 -26.22
N ASN C 16 2.86 -10.34 -27.30
CA ASN C 16 3.53 -9.39 -28.19
C ASN C 16 2.90 -8.01 -28.41
N TYR C 17 1.67 -7.98 -28.95
CA TYR C 17 0.99 -6.73 -29.26
C TYR C 17 0.63 -5.95 -27.99
N PRO C 18 0.92 -4.62 -27.97
CA PRO C 18 0.72 -3.69 -26.81
C PRO C 18 -0.71 -3.09 -26.39
N CYS C 19 -1.26 -3.52 -25.26
CA CYS C 19 -2.65 -3.33 -24.83
C CYS C 19 -2.60 -2.54 -23.53
N LEU C 20 -3.63 -2.71 -22.70
CA LEU C 20 -3.64 -2.09 -21.38
C LEU C 20 -3.59 -3.01 -20.18
N VAL C 21 -2.58 -2.78 -19.34
CA VAL C 21 -2.54 -3.34 -17.98
C VAL C 21 -3.68 -2.73 -17.14
N PRO C 22 -4.07 -3.40 -16.03
CA PRO C 22 -5.15 -2.90 -15.18
C PRO C 22 -5.02 -1.46 -14.72
N VAL C 23 -3.86 -1.10 -14.18
CA VAL C 23 -3.60 0.21 -13.59
C VAL C 23 -3.95 1.31 -14.59
N LYS C 24 -4.14 0.91 -15.85
CA LYS C 24 -4.37 1.88 -16.92
C LYS C 24 -5.71 1.64 -17.62
N TRP C 25 -6.75 1.32 -16.85
CA TRP C 25 -8.06 1.04 -17.42
C TRP C 25 -8.88 2.29 -17.66
N GLY C 26 -9.56 2.33 -18.80
CA GLY C 26 -10.27 3.52 -19.24
C GLY C 26 -11.73 3.58 -18.80
N GLY C 27 -12.17 4.78 -18.41
CA GLY C 27 -13.54 5.03 -18.01
C GLY C 27 -13.71 5.11 -16.51
N ASN C 28 -14.76 4.46 -16.02
CA ASN C 28 -15.08 4.50 -14.58
C ASN C 28 -14.00 3.92 -13.68
N CYS C 29 -13.21 3.00 -14.23
CA CYS C 29 -12.11 2.32 -13.53
C CYS C 29 -11.22 3.24 -12.71
N GLN C 30 -11.15 4.50 -13.13
CA GLN C 30 -10.36 5.51 -12.46
C GLN C 30 -11.21 6.38 -11.52
N LYS C 31 -12.23 5.78 -10.91
CA LYS C 31 -13.12 6.50 -9.98
C LYS C 31 -13.03 5.95 -8.56
N ASP C 32 -13.69 6.64 -7.62
CA ASP C 32 -13.46 6.47 -6.18
C ASP C 32 -13.78 5.10 -5.57
N ARG C 33 -14.97 4.59 -5.86
CA ARG C 33 -15.51 3.44 -5.15
C ARG C 33 -15.34 2.16 -5.94
N GLN C 34 -14.09 1.80 -6.25
CA GLN C 34 -13.82 0.63 -7.08
C GLN C 34 -13.67 -0.67 -6.26
N SER C 35 -13.80 -1.78 -6.97
CA SER C 35 -13.58 -3.13 -6.44
C SER C 35 -12.45 -3.80 -7.25
N PRO C 36 -11.76 -4.80 -6.68
CA PRO C 36 -11.88 -5.45 -5.35
C PRO C 36 -11.21 -4.67 -4.24
N ILE C 37 -11.37 -5.10 -3.00
CA ILE C 37 -10.84 -4.33 -1.89
C ILE C 37 -10.26 -5.29 -0.91
N ASN C 38 -9.52 -4.75 0.05
CA ASN C 38 -9.17 -5.54 1.21
C ASN C 38 -10.22 -5.35 2.30
N ILE C 39 -10.64 -6.43 2.98
CA ILE C 39 -11.65 -6.31 4.04
C ILE C 39 -11.00 -6.50 5.42
N VAL C 40 -11.06 -5.47 6.28
CA VAL C 40 -10.56 -5.61 7.64
C VAL C 40 -11.72 -6.11 8.46
N THR C 41 -11.59 -7.31 8.99
CA THR C 41 -12.71 -8.06 9.50
C THR C 41 -13.24 -7.55 10.81
N THR C 42 -12.34 -7.21 11.75
CA THR C 42 -12.73 -6.51 13.00
C THR C 42 -13.31 -5.11 12.78
N LYS C 43 -13.21 -4.58 11.56
CA LYS C 43 -13.73 -3.24 11.26
C LYS C 43 -15.10 -3.20 10.56
N ALA C 44 -15.60 -4.37 10.17
CA ALA C 44 -17.00 -4.44 9.69
C ALA C 44 -17.95 -4.82 10.83
N LYS C 45 -18.86 -3.90 11.13
CA LYS C 45 -19.86 -4.04 12.20
C LYS C 45 -21.00 -5.02 11.85
N VAL C 46 -21.49 -5.76 12.87
CA VAL C 46 -22.63 -6.67 12.68
C VAL C 46 -23.88 -5.83 12.39
N ASP C 47 -24.48 -6.00 11.20
CA ASP C 47 -25.78 -5.40 10.86
C ASP C 47 -26.80 -6.54 10.77
N LYS C 48 -27.74 -6.58 11.71
CA LYS C 48 -28.67 -7.71 11.87
C LYS C 48 -29.74 -7.84 10.77
N LYS C 49 -29.85 -6.83 9.90
CA LYS C 49 -30.77 -6.89 8.78
C LYS C 49 -30.19 -7.67 7.61
N LEU C 50 -28.91 -8.04 7.69
CA LEU C 50 -28.35 -8.92 6.72
C LEU C 50 -28.61 -10.33 7.25
N GLY C 51 -29.76 -10.90 6.86
CA GLY C 51 -30.14 -12.27 7.23
C GLY C 51 -29.90 -13.20 6.06
N ARG C 52 -30.23 -14.48 6.21
CA ARG C 52 -29.96 -15.49 5.18
C ARG C 52 -30.31 -15.08 3.75
N PHE C 53 -29.68 -15.76 2.81
CA PHE C 53 -30.03 -15.69 1.40
C PHE C 53 -31.03 -16.80 1.10
N PHE C 54 -31.97 -16.58 0.18
CA PHE C 54 -32.83 -17.69 -0.29
C PHE C 54 -32.42 -18.11 -1.68
N PHE C 55 -32.33 -19.42 -1.90
CA PHE C 55 -31.73 -20.00 -3.13
C PHE C 55 -32.73 -20.72 -4.04
N SER C 56 -33.28 -19.97 -4.99
CA SER C 56 -34.24 -20.50 -5.96
C SER C 56 -33.54 -21.39 -6.97
N GLY C 57 -33.70 -22.71 -6.80
CA GLY C 57 -33.30 -23.69 -7.80
C GLY C 57 -31.84 -24.11 -7.81
N TYR C 58 -31.02 -23.38 -7.05
CA TYR C 58 -29.61 -23.70 -6.85
C TYR C 58 -29.42 -25.19 -6.56
N ASP C 59 -30.40 -25.75 -5.85
CA ASP C 59 -30.40 -27.15 -5.39
C ASP C 59 -30.63 -28.20 -6.50
N LYS C 60 -31.21 -27.78 -7.62
CA LYS C 60 -31.62 -28.72 -8.67
C LYS C 60 -30.53 -29.01 -9.70
N LYS C 61 -30.22 -30.30 -9.80
CA LYS C 61 -29.21 -30.85 -10.73
C LYS C 61 -29.57 -30.53 -12.18
N GLN C 62 -28.59 -30.61 -13.08
CA GLN C 62 -28.78 -30.14 -14.46
C GLN C 62 -27.53 -30.29 -15.30
N THR C 63 -27.67 -30.09 -16.61
CA THR C 63 -26.50 -29.82 -17.46
C THR C 63 -26.32 -28.31 -17.55
N TRP C 64 -25.20 -27.86 -18.13
CA TRP C 64 -24.88 -26.42 -18.17
C TRP C 64 -24.09 -26.01 -19.34
N THR C 65 -24.38 -24.84 -19.91
CA THR C 65 -23.43 -24.26 -20.85
C THR C 65 -22.28 -23.67 -20.00
N VAL C 66 -21.09 -23.56 -20.60
CA VAL C 66 -19.88 -23.20 -19.86
C VAL C 66 -18.78 -22.83 -20.85
N GLN C 67 -18.25 -21.61 -20.74
CA GLN C 67 -17.26 -21.12 -21.73
C GLN C 67 -16.00 -20.39 -21.25
N ASN C 68 -14.94 -20.58 -22.02
CA ASN C 68 -13.74 -19.77 -21.97
C ASN C 68 -13.98 -18.46 -22.72
N ASN C 69 -14.32 -17.41 -21.96
CA ASN C 69 -14.57 -16.08 -22.53
C ASN C 69 -13.33 -15.25 -22.82
N GLY C 70 -12.16 -15.89 -22.72
CA GLY C 70 -10.88 -15.24 -22.99
C GLY C 70 -10.17 -14.78 -21.73
N HIS C 71 -10.89 -14.84 -20.61
CA HIS C 71 -10.42 -14.32 -19.31
C HIS C 71 -10.83 -15.16 -18.15
N SER C 72 -11.74 -16.11 -18.36
CA SER C 72 -12.18 -17.04 -17.30
C SER C 72 -12.97 -18.23 -17.82
N VAL C 73 -13.15 -19.25 -16.96
CA VAL C 73 -14.20 -20.23 -17.17
C VAL C 73 -15.60 -19.73 -16.69
N MET C 74 -16.42 -19.28 -17.63
CA MET C 74 -17.75 -18.71 -17.33
C MET C 74 -18.95 -19.61 -17.71
N MET C 75 -19.56 -20.23 -16.70
CA MET C 75 -20.61 -21.21 -16.96
C MET C 75 -22.01 -20.56 -17.07
N LEU C 76 -22.69 -20.83 -18.19
CA LEU C 76 -23.95 -20.15 -18.46
C LEU C 76 -25.07 -20.61 -17.53
N LEU C 77 -25.62 -19.64 -16.81
CA LEU C 77 -26.71 -19.89 -15.89
C LEU C 77 -27.63 -19.01 -16.76
N GLU C 78 -28.94 -19.15 -16.70
CA GLU C 78 -29.83 -18.14 -17.34
C GLU C 78 -31.12 -17.64 -16.68
N ASN C 79 -31.84 -18.43 -15.88
CA ASN C 79 -31.74 -19.87 -15.73
C ASN C 79 -32.42 -20.45 -14.44
N LYS C 80 -31.81 -21.49 -13.90
CA LYS C 80 -32.40 -22.27 -12.86
C LYS C 80 -32.23 -21.52 -11.54
N ALA C 81 -31.85 -20.25 -11.62
CA ALA C 81 -31.52 -19.48 -10.44
C ALA C 81 -31.77 -18.01 -10.37
N SER C 82 -32.22 -17.62 -9.20
CA SER C 82 -32.24 -16.23 -8.82
C SER C 82 -31.99 -16.20 -7.32
N ILE C 83 -31.91 -15.03 -6.72
CA ILE C 83 -31.71 -15.03 -5.27
C ILE C 83 -32.56 -13.95 -4.67
N SER C 84 -32.78 -14.06 -3.37
CA SER C 84 -33.22 -12.90 -2.62
C SER C 84 -32.88 -13.18 -1.19
N GLY C 85 -33.14 -12.17 -0.36
CA GLY C 85 -32.80 -12.22 1.04
C GLY C 85 -31.46 -11.57 1.25
N GLY C 86 -30.70 -12.10 2.21
CA GLY C 86 -29.39 -11.56 2.52
C GLY C 86 -29.38 -10.05 2.49
N GLY C 87 -30.46 -9.44 2.96
CA GLY C 87 -30.60 -7.99 3.04
C GLY C 87 -30.64 -7.23 1.73
N LEU C 88 -30.99 -7.94 0.65
CA LEU C 88 -31.12 -7.40 -0.69
C LEU C 88 -32.45 -6.69 -0.91
N PRO C 89 -32.43 -5.57 -1.66
CA PRO C 89 -33.64 -4.77 -1.95
C PRO C 89 -34.82 -5.59 -2.51
N ALA C 90 -34.52 -6.47 -3.47
CA ALA C 90 -35.53 -7.21 -4.25
C ALA C 90 -34.89 -8.49 -4.83
N PRO C 91 -35.67 -9.35 -5.53
CA PRO C 91 -35.03 -10.50 -6.19
C PRO C 91 -34.00 -10.11 -7.26
N TYR C 92 -32.96 -10.93 -7.40
CA TYR C 92 -31.96 -10.73 -8.45
C TYR C 92 -31.89 -12.02 -9.29
N GLN C 93 -31.92 -11.93 -10.61
CA GLN C 93 -31.81 -13.19 -11.38
C GLN C 93 -30.34 -13.51 -11.80
N ALA C 94 -29.96 -14.78 -11.74
CA ALA C 94 -28.65 -15.23 -12.20
C ALA C 94 -28.37 -14.77 -13.64
N LYS C 95 -27.17 -14.24 -13.86
CA LYS C 95 -26.70 -13.85 -15.19
C LYS C 95 -25.56 -14.81 -15.55
N GLN C 96 -24.51 -14.88 -14.72
CA GLN C 96 -23.43 -15.88 -14.92
C GLN C 96 -22.61 -16.26 -13.66
N LEU C 97 -21.91 -17.40 -13.73
CA LEU C 97 -20.91 -17.83 -12.73
C LEU C 97 -19.46 -18.03 -13.26
N HIS C 98 -18.57 -17.09 -12.91
CA HIS C 98 -17.14 -17.14 -13.30
C HIS C 98 -16.14 -17.12 -12.16
N LEU C 99 -14.88 -17.45 -12.48
CA LEU C 99 -13.84 -17.55 -11.45
C LEU C 99 -12.59 -16.75 -11.74
N HIS C 100 -11.87 -16.49 -10.65
CA HIS C 100 -10.55 -15.89 -10.67
C HIS C 100 -9.68 -16.72 -9.84
N TRP C 101 -8.45 -16.94 -10.32
CA TRP C 101 -7.46 -17.79 -9.69
C TRP C 101 -6.03 -17.54 -10.17
N SER C 102 -5.11 -18.25 -9.51
CA SER C 102 -3.68 -18.26 -9.82
C SER C 102 -3.15 -19.68 -9.54
N ASP C 103 -1.82 -19.83 -9.58
CA ASP C 103 -1.18 -21.11 -9.23
C ASP C 103 -0.62 -21.20 -7.81
N LEU C 104 -0.64 -20.09 -7.06
CA LEU C 104 -0.09 -20.05 -5.70
C LEU C 104 -1.13 -19.85 -4.60
N PRO C 105 -1.01 -20.60 -3.49
CA PRO C 105 -2.12 -20.71 -2.53
C PRO C 105 -2.54 -19.35 -2.00
N TYR C 106 -1.57 -18.43 -1.94
CA TYR C 106 -1.72 -17.13 -1.32
C TYR C 106 -2.09 -16.01 -2.29
N LYS C 107 -2.46 -16.32 -3.54
CA LYS C 107 -2.69 -15.23 -4.53
C LYS C 107 -3.81 -15.31 -5.62
N GLY C 108 -4.78 -16.23 -5.53
CA GLY C 108 -5.84 -16.30 -6.58
C GLY C 108 -7.08 -15.36 -6.52
N SER C 109 -7.35 -14.84 -5.33
CA SER C 109 -8.60 -14.12 -5.11
C SER C 109 -8.46 -12.68 -5.55
N GLU C 110 -9.57 -12.06 -5.95
CA GLU C 110 -9.55 -10.61 -6.20
C GLU C 110 -9.63 -9.92 -4.84
N HIS C 111 -10.63 -10.29 -4.00
CA HIS C 111 -10.67 -9.80 -2.59
C HIS C 111 -9.69 -10.46 -1.64
N SER C 112 -9.39 -9.79 -0.52
CA SER C 112 -8.60 -10.43 0.53
C SER C 112 -9.23 -10.23 1.92
N LEU C 113 -9.00 -11.18 2.83
CA LEU C 113 -9.51 -11.12 4.23
C LEU C 113 -8.41 -10.85 5.25
N ASP C 114 -8.32 -9.60 5.71
CA ASP C 114 -7.31 -9.17 6.67
C ASP C 114 -5.91 -9.33 6.04
N GLY C 115 -5.78 -9.05 4.76
CA GLY C 115 -4.53 -9.21 4.03
C GLY C 115 -4.32 -10.57 3.39
N GLU C 116 -5.10 -11.57 3.79
CA GLU C 116 -4.91 -12.89 3.20
C GLU C 116 -5.59 -12.99 1.85
N HIS C 117 -4.86 -13.44 0.83
CA HIS C 117 -5.46 -13.77 -0.46
C HIS C 117 -5.65 -15.24 -0.56
N PHE C 118 -6.63 -15.64 -1.33
CA PHE C 118 -6.97 -17.04 -1.37
C PHE C 118 -6.65 -17.66 -2.71
N ALA C 119 -6.60 -18.99 -2.77
CA ALA C 119 -6.31 -19.71 -4.02
C ALA C 119 -7.23 -19.41 -5.21
N MET C 120 -8.53 -19.25 -4.95
CA MET C 120 -9.48 -18.82 -5.99
C MET C 120 -10.57 -17.92 -5.41
N GLU C 121 -11.19 -17.09 -6.24
CA GLU C 121 -12.47 -16.47 -5.88
C GLU C 121 -13.56 -16.84 -6.88
N MET C 122 -14.69 -17.35 -6.39
CA MET C 122 -15.83 -17.71 -7.24
C MET C 122 -16.84 -16.59 -7.18
N HIS C 123 -17.18 -16.06 -8.37
CA HIS C 123 -18.16 -15.00 -8.57
C HIS C 123 -19.46 -15.57 -9.16
N ILE C 124 -20.59 -15.38 -8.47
CA ILE C 124 -21.90 -15.78 -9.04
C ILE C 124 -22.68 -14.51 -9.25
N VAL C 125 -22.95 -14.18 -10.52
CA VAL C 125 -23.31 -12.82 -10.93
C VAL C 125 -24.82 -12.71 -11.17
N HIS C 126 -25.42 -11.60 -10.67
CA HIS C 126 -26.88 -11.36 -10.76
C HIS C 126 -27.21 -9.93 -11.08
N GLU C 127 -28.30 -9.76 -11.84
CA GLU C 127 -28.88 -8.45 -12.18
C GLU C 127 -30.17 -8.29 -11.37
N LYS C 128 -30.43 -7.07 -10.89
CA LYS C 128 -31.65 -6.82 -10.12
C LYS C 128 -32.90 -6.89 -10.99
N GLU C 129 -33.76 -7.85 -10.72
CA GLU C 129 -35.04 -7.95 -11.43
C GLU C 129 -35.68 -6.57 -11.56
N LYS C 130 -36.09 -6.24 -12.79
CA LYS C 130 -36.57 -4.89 -13.11
C LYS C 130 -38.07 -4.72 -12.83
N GLY C 131 -38.44 -3.50 -12.47
CA GLY C 131 -39.85 -3.14 -12.28
C GLY C 131 -40.44 -3.65 -10.99
N PRO C 142 -27.88 3.93 -9.68
CA PRO C 142 -28.16 2.48 -9.64
C PRO C 142 -27.09 1.76 -8.95
N GLU C 143 -26.73 2.28 -7.77
CA GLU C 143 -25.60 1.75 -6.94
C GLU C 143 -25.71 0.26 -6.67
N ASP C 144 -26.91 -0.31 -6.74
CA ASP C 144 -27.07 -1.74 -6.66
C ASP C 144 -27.68 -2.55 -7.80
N GLU C 145 -27.50 -1.99 -9.00
CA GLU C 145 -27.89 -2.68 -10.22
C GLU C 145 -27.52 -4.18 -10.22
N ILE C 146 -26.25 -4.48 -9.94
CA ILE C 146 -25.79 -5.88 -9.85
C ILE C 146 -25.44 -6.27 -8.43
N ALA C 147 -25.68 -7.53 -8.09
CA ALA C 147 -25.20 -8.11 -6.85
C ALA C 147 -24.37 -9.36 -7.14
N VAL C 148 -23.13 -9.41 -6.64
CA VAL C 148 -22.25 -10.57 -6.89
C VAL C 148 -22.13 -11.39 -5.60
N LEU C 149 -22.29 -12.70 -5.67
CA LEU C 149 -21.89 -13.49 -4.52
C LEU C 149 -20.43 -13.94 -4.73
N ALA C 150 -19.54 -13.47 -3.88
CA ALA C 150 -18.12 -13.85 -3.97
C ALA C 150 -17.79 -14.86 -2.93
N PHE C 151 -17.33 -16.03 -3.36
CA PHE C 151 -16.83 -17.07 -2.45
C PHE C 151 -15.33 -17.34 -2.61
N LEU C 152 -14.61 -17.37 -1.48
CA LEU C 152 -13.17 -17.60 -1.46
C LEU C 152 -12.88 -19.08 -1.44
N VAL C 153 -11.88 -19.50 -2.22
CA VAL C 153 -11.53 -20.91 -2.38
C VAL C 153 -10.08 -21.15 -1.99
N GLU C 154 -9.87 -22.05 -1.04
CA GLU C 154 -8.52 -22.47 -0.64
C GLU C 154 -8.40 -23.97 -0.89
N ALA C 155 -7.17 -24.50 -0.77
CA ALA C 155 -6.93 -25.92 -0.96
C ALA C 155 -7.09 -26.71 0.33
N GLY C 156 -7.95 -27.72 0.30
CA GLY C 156 -8.08 -28.66 1.41
C GLY C 156 -7.48 -29.99 1.01
N THR C 157 -7.17 -30.82 1.99
CA THR C 157 -6.79 -32.22 1.72
C THR C 157 -8.11 -32.98 1.54
N GLN C 158 -8.63 -32.96 0.30
CA GLN C 158 -10.01 -33.36 -0.02
C GLN C 158 -10.27 -33.25 -1.52
N VAL C 159 -11.01 -34.19 -2.11
CA VAL C 159 -11.54 -33.95 -3.46
C VAL C 159 -13.03 -33.66 -3.23
N ASN C 160 -13.40 -32.41 -3.50
CA ASN C 160 -14.77 -31.93 -3.30
C ASN C 160 -15.77 -32.62 -4.24
N GLU C 161 -16.64 -33.45 -3.66
CA GLU C 161 -17.62 -34.25 -4.40
C GLU C 161 -18.34 -33.43 -5.47
N GLY C 162 -19.16 -32.48 -5.01
CA GLY C 162 -19.97 -31.64 -5.89
C GLY C 162 -19.24 -30.84 -6.94
N PHE C 163 -17.93 -30.66 -6.78
CA PHE C 163 -17.19 -29.80 -7.70
C PHE C 163 -16.66 -30.49 -8.95
N GLN C 164 -16.96 -31.78 -9.09
CA GLN C 164 -16.39 -32.60 -10.14
C GLN C 164 -16.64 -32.13 -11.61
N PRO C 165 -17.91 -31.98 -12.03
CA PRO C 165 -18.20 -31.74 -13.47
C PRO C 165 -17.66 -30.43 -14.08
N LEU C 166 -17.61 -29.36 -13.29
CA LEU C 166 -17.06 -28.08 -13.76
C LEU C 166 -15.59 -28.25 -14.12
N VAL C 167 -14.88 -29.05 -13.33
CA VAL C 167 -13.49 -29.39 -13.59
C VAL C 167 -13.38 -30.17 -14.90
N GLU C 168 -14.19 -31.22 -15.04
CA GLU C 168 -14.20 -32.05 -16.25
C GLU C 168 -14.60 -31.28 -17.49
N ALA C 169 -15.40 -30.23 -17.29
CA ALA C 169 -15.89 -29.39 -18.38
C ALA C 169 -14.81 -28.48 -19.02
N LEU C 170 -13.59 -28.55 -18.51
CA LEU C 170 -12.52 -27.66 -18.98
C LEU C 170 -11.59 -28.34 -20.00
N SER C 171 -11.52 -29.67 -19.91
CA SER C 171 -10.72 -30.49 -20.82
C SER C 171 -10.99 -30.13 -22.27
N ASN C 172 -12.22 -29.68 -22.54
CA ASN C 172 -12.70 -29.45 -23.91
C ASN C 172 -12.95 -27.98 -24.32
N ILE C 173 -12.35 -27.02 -23.61
CA ILE C 173 -12.46 -25.58 -23.99
C ILE C 173 -11.18 -24.70 -23.89
N PRO C 174 -9.99 -25.24 -24.26
CA PRO C 174 -8.74 -24.50 -23.99
C PRO C 174 -8.65 -23.08 -24.56
N LYS C 175 -9.05 -22.88 -25.81
CA LYS C 175 -8.91 -21.57 -26.47
C LYS C 175 -10.10 -20.65 -26.17
N PRO C 176 -9.91 -19.33 -26.35
CA PRO C 176 -11.04 -18.37 -26.26
C PRO C 176 -12.11 -18.82 -27.29
N GLU C 177 -13.39 -18.70 -26.88
CA GLU C 177 -14.59 -18.79 -27.73
C GLU C 177 -15.18 -20.22 -27.98
N MET C 178 -14.71 -21.19 -27.21
CA MET C 178 -15.17 -22.59 -27.32
C MET C 178 -16.02 -22.78 -26.07
N SER C 179 -17.08 -23.59 -26.16
CA SER C 179 -17.96 -23.87 -25.01
C SER C 179 -18.60 -25.28 -24.94
N THR C 180 -18.03 -26.13 -24.09
CA THR C 180 -18.51 -27.48 -23.83
C THR C 180 -19.82 -27.41 -23.02
N THR C 181 -20.28 -28.55 -22.52
CA THR C 181 -21.50 -28.60 -21.73
C THR C 181 -21.19 -29.30 -20.43
N MET C 182 -21.55 -28.68 -19.31
CA MET C 182 -21.29 -29.29 -18.01
C MET C 182 -22.08 -30.57 -17.85
N ALA C 183 -21.52 -31.49 -17.08
CA ALA C 183 -22.21 -32.73 -16.77
C ALA C 183 -23.34 -32.40 -15.83
N GLU C 184 -23.98 -33.44 -15.30
CA GLU C 184 -25.08 -33.30 -14.37
C GLU C 184 -24.62 -32.65 -13.07
N SER C 185 -25.17 -31.47 -12.79
CA SER C 185 -24.78 -30.71 -11.60
C SER C 185 -25.71 -29.55 -11.25
N SER C 186 -25.76 -29.24 -9.96
CA SER C 186 -26.50 -28.09 -9.47
C SER C 186 -25.55 -26.98 -9.07
N LEU C 187 -26.06 -25.99 -8.35
CA LEU C 187 -25.26 -24.87 -7.85
C LEU C 187 -24.94 -25.11 -6.38
N LEU C 188 -25.92 -25.62 -5.65
CA LEU C 188 -25.73 -26.06 -4.27
C LEU C 188 -24.51 -26.98 -4.14
N ASP C 189 -24.27 -27.78 -5.20
CA ASP C 189 -23.15 -28.72 -5.29
C ASP C 189 -21.78 -28.05 -5.13
N LEU C 190 -21.71 -26.77 -5.48
CA LEU C 190 -20.43 -26.06 -5.51
C LEU C 190 -20.06 -25.39 -4.18
N LEU C 191 -21.06 -25.00 -3.41
CA LEU C 191 -20.88 -24.16 -2.22
C LEU C 191 -20.74 -24.95 -0.89
N PRO C 192 -20.26 -24.29 0.19
CA PRO C 192 -20.25 -24.97 1.51
C PRO C 192 -21.68 -25.12 2.04
N LYS C 193 -21.88 -26.01 3.00
CA LYS C 193 -23.24 -26.28 3.53
C LYS C 193 -23.92 -25.00 4.06
N GLU C 194 -25.12 -24.72 3.56
CA GLU C 194 -25.67 -23.35 3.55
C GLU C 194 -25.83 -22.65 4.92
N GLU C 195 -25.88 -23.42 5.99
CA GLU C 195 -25.86 -22.85 7.34
C GLU C 195 -24.42 -22.60 7.81
N LYS C 196 -23.50 -22.62 6.84
CA LYS C 196 -22.15 -22.04 6.96
C LYS C 196 -22.19 -20.68 6.27
N LEU C 197 -23.07 -20.57 5.28
CA LEU C 197 -23.19 -19.38 4.43
C LEU C 197 -23.97 -18.23 5.06
N ARG C 198 -24.07 -18.27 6.39
CA ARG C 198 -24.77 -17.24 7.15
C ARG C 198 -23.87 -16.04 7.43
N HIS C 199 -22.56 -16.29 7.56
CA HIS C 199 -21.56 -15.23 7.80
C HIS C 199 -20.99 -14.72 6.52
N TYR C 200 -21.06 -13.41 6.33
CA TYR C 200 -20.53 -12.80 5.12
C TYR C 200 -20.38 -11.33 5.34
N PHE C 201 -19.60 -10.69 4.45
CA PHE C 201 -19.33 -9.23 4.48
C PHE C 201 -20.09 -8.56 3.34
N ARG C 202 -20.43 -7.27 3.46
CA ARG C 202 -21.19 -6.58 2.43
C ARG C 202 -20.70 -5.17 2.24
N TYR C 203 -20.59 -4.73 0.99
CA TYR C 203 -20.15 -3.36 0.73
C TYR C 203 -20.62 -2.93 -0.64
N LEU C 204 -20.32 -1.70 -1.03
CA LEU C 204 -20.83 -1.21 -2.31
C LEU C 204 -19.68 -0.86 -3.22
N GLY C 205 -19.78 -1.22 -4.50
CA GLY C 205 -18.68 -0.97 -5.44
C GLY C 205 -18.92 -1.26 -6.91
N SER C 206 -17.88 -1.78 -7.56
CA SER C 206 -17.89 -1.92 -9.02
C SER C 206 -17.65 -3.32 -9.59
N LEU C 207 -17.77 -3.39 -10.92
CA LEU C 207 -17.26 -4.51 -11.72
C LEU C 207 -15.74 -4.46 -11.65
N THR C 208 -15.10 -5.61 -11.90
CA THR C 208 -13.65 -5.75 -11.73
C THR C 208 -13.00 -6.04 -13.07
N THR C 209 -13.81 -5.97 -14.12
CA THR C 209 -13.35 -5.89 -15.50
C THR C 209 -13.95 -4.61 -16.09
N PRO C 210 -13.28 -3.99 -17.07
CA PRO C 210 -13.80 -2.77 -17.72
C PRO C 210 -15.25 -2.91 -18.20
N THR C 211 -16.05 -1.83 -18.13
CA THR C 211 -15.57 -0.50 -17.72
C THR C 211 -15.67 -0.17 -16.22
N CYS C 212 -15.78 -1.23 -15.41
CA CYS C 212 -15.72 -1.13 -13.95
C CYS C 212 -16.84 -0.24 -13.37
N ASP C 213 -18.05 -0.35 -13.93
CA ASP C 213 -19.21 0.48 -13.57
C ASP C 213 -19.54 0.42 -12.08
N GLU C 214 -19.65 1.57 -11.42
CA GLU C 214 -19.88 1.60 -9.97
C GLU C 214 -21.33 1.26 -9.61
N LYS C 215 -21.74 0.03 -9.92
CA LYS C 215 -23.14 -0.39 -9.79
C LYS C 215 -23.39 -1.70 -9.01
N VAL C 216 -22.40 -2.22 -8.31
CA VAL C 216 -22.51 -3.57 -7.68
C VAL C 216 -22.72 -3.57 -6.17
N VAL C 217 -23.46 -4.55 -5.67
CA VAL C 217 -23.58 -4.75 -4.25
C VAL C 217 -23.01 -6.13 -3.94
N TRP C 218 -21.82 -6.07 -3.35
CA TRP C 218 -20.97 -7.22 -3.17
C TRP C 218 -21.33 -7.96 -1.95
N THR C 219 -21.21 -9.26 -2.05
CA THR C 219 -21.34 -10.13 -0.93
C THR C 219 -20.14 -11.08 -0.99
N VAL C 220 -19.30 -11.00 0.03
CA VAL C 220 -18.13 -11.81 0.11
C VAL C 220 -18.34 -12.72 1.33
N PHE C 221 -18.36 -14.04 1.12
CA PHE C 221 -18.67 -14.96 2.21
C PHE C 221 -17.44 -15.23 3.08
N ARG C 222 -17.64 -15.25 4.39
CA ARG C 222 -16.54 -15.44 5.33
C ARG C 222 -15.84 -16.78 5.13
N GLU C 223 -16.63 -17.80 4.85
CA GLU C 223 -16.12 -19.16 4.82
C GLU C 223 -15.76 -19.65 3.41
N PRO C 224 -14.58 -20.27 3.27
CA PRO C 224 -14.08 -20.68 1.97
C PRO C 224 -14.54 -22.05 1.48
N ILE C 225 -14.40 -22.25 0.17
CA ILE C 225 -14.63 -23.51 -0.54
C ILE C 225 -13.37 -24.41 -0.56
N GLN C 226 -13.51 -25.69 -0.28
CA GLN C 226 -12.36 -26.58 -0.38
C GLN C 226 -12.35 -27.33 -1.70
N LEU C 227 -11.31 -27.09 -2.50
CA LEU C 227 -11.02 -27.95 -3.64
C LEU C 227 -9.73 -28.62 -3.32
N HIS C 228 -9.52 -29.83 -3.85
CA HIS C 228 -8.22 -30.43 -3.67
C HIS C 228 -7.19 -29.60 -4.35
N ARG C 229 -6.00 -29.57 -3.73
CA ARG C 229 -4.82 -28.95 -4.30
C ARG C 229 -4.78 -29.25 -5.79
N GLU C 230 -5.23 -30.46 -6.12
CA GLU C 230 -5.29 -30.95 -7.50
C GLU C 230 -6.46 -30.36 -8.27
N GLN C 231 -7.65 -30.35 -7.64
CA GLN C 231 -8.86 -29.74 -8.25
C GLN C 231 -8.57 -28.29 -8.63
N ILE C 232 -8.05 -27.53 -7.67
CA ILE C 232 -7.66 -26.11 -7.88
C ILE C 232 -6.71 -25.94 -9.06
N LEU C 233 -5.64 -26.76 -9.09
CA LEU C 233 -4.61 -26.62 -10.13
C LEU C 233 -5.05 -26.98 -11.58
N ALA C 234 -6.07 -27.83 -11.73
CA ALA C 234 -6.67 -28.11 -13.06
C ALA C 234 -6.99 -26.86 -13.89
N PHE C 235 -7.60 -25.85 -13.24
CA PHE C 235 -7.94 -24.57 -13.87
C PHE C 235 -6.76 -23.87 -14.54
N SER C 236 -5.60 -23.87 -13.85
CA SER C 236 -4.41 -23.12 -14.30
C SER C 236 -3.70 -23.75 -15.50
N GLN C 237 -3.70 -25.08 -15.53
CA GLN C 237 -3.07 -25.81 -16.63
C GLN C 237 -4.03 -26.06 -17.79
N LYS C 238 -5.12 -26.78 -17.53
CA LYS C 238 -6.07 -27.22 -18.55
C LYS C 238 -6.87 -26.09 -19.21
N LEU C 239 -6.50 -24.84 -18.93
CA LEU C 239 -7.05 -23.65 -19.61
C LEU C 239 -5.96 -22.72 -20.12
N TYR C 240 -6.32 -21.80 -21.03
CA TYR C 240 -5.34 -21.04 -21.80
C TYR C 240 -5.88 -19.70 -22.24
N TYR C 241 -5.16 -18.63 -21.94
CA TYR C 241 -5.58 -17.26 -22.32
C TYR C 241 -5.63 -17.00 -23.83
N ASP C 242 -5.14 -17.95 -24.63
CA ASP C 242 -4.95 -17.69 -26.06
C ASP C 242 -5.24 -18.91 -26.95
N LYS C 243 -5.47 -18.64 -28.24
CA LYS C 243 -5.74 -19.67 -29.25
C LYS C 243 -4.46 -20.42 -29.63
N GLU C 244 -3.44 -19.64 -29.99
CA GLU C 244 -2.12 -20.16 -30.36
C GLU C 244 -1.46 -21.09 -29.31
N GLN C 245 -1.96 -21.02 -28.07
CA GLN C 245 -1.34 -21.66 -26.90
C GLN C 245 0.06 -21.11 -26.53
N THR C 246 0.10 -19.81 -26.21
CA THR C 246 1.32 -19.13 -25.76
C THR C 246 1.24 -18.55 -24.32
N VAL C 247 0.06 -18.63 -23.68
CA VAL C 247 -0.13 -18.14 -22.30
C VAL C 247 -1.16 -18.97 -21.52
N SER C 248 -0.70 -19.78 -20.57
CA SER C 248 -1.59 -20.53 -19.66
C SER C 248 -2.44 -19.59 -18.79
N MET C 249 -3.66 -20.04 -18.42
CA MET C 249 -4.68 -19.20 -17.72
C MET C 249 -4.46 -19.22 -16.22
N LYS C 250 -4.22 -18.03 -15.66
CA LYS C 250 -3.92 -17.84 -14.23
C LYS C 250 -3.71 -16.33 -14.00
N ASP C 251 -3.70 -15.90 -12.75
CA ASP C 251 -3.64 -14.45 -12.41
C ASP C 251 -4.56 -13.54 -13.19
N ASN C 252 -5.74 -14.06 -13.53
CA ASN C 252 -6.79 -13.20 -14.04
C ASN C 252 -7.44 -12.45 -12.88
N VAL C 253 -6.69 -11.51 -12.28
CA VAL C 253 -7.22 -10.71 -11.16
C VAL C 253 -6.89 -9.21 -11.27
N ARG C 254 -7.82 -8.36 -10.84
CA ARG C 254 -7.54 -6.93 -10.72
C ARG C 254 -6.85 -6.69 -9.39
N PRO C 255 -5.73 -5.93 -9.39
CA PRO C 255 -5.10 -5.49 -8.14
C PRO C 255 -6.09 -4.83 -7.17
N LEU C 256 -5.69 -4.58 -5.93
CA LEU C 256 -6.62 -4.12 -4.92
C LEU C 256 -6.92 -2.64 -5.06
N GLN C 257 -8.15 -2.26 -4.76
CA GLN C 257 -8.57 -0.86 -4.76
C GLN C 257 -8.74 -0.40 -3.30
N GLN C 258 -8.71 0.91 -3.06
CA GLN C 258 -8.88 1.41 -1.70
C GLN C 258 -10.33 1.70 -1.40
N LEU C 259 -10.71 1.52 -0.15
CA LEU C 259 -12.09 1.67 0.30
C LEU C 259 -12.53 3.12 0.16
N GLY C 260 -11.66 4.04 0.60
CA GLY C 260 -11.91 5.46 0.53
C GLY C 260 -13.16 5.82 1.31
N GLN C 261 -14.25 6.04 0.58
CA GLN C 261 -15.49 6.53 1.15
C GLN C 261 -16.27 5.51 2.00
N ARG C 262 -16.43 4.28 1.49
CA ARG C 262 -17.37 3.32 2.06
C ARG C 262 -16.93 2.74 3.39
N THR C 263 -17.77 1.88 3.92
CA THR C 263 -17.39 0.97 4.98
C THR C 263 -17.97 -0.38 4.59
N VAL C 264 -17.66 -1.39 5.37
CA VAL C 264 -18.12 -2.70 5.10
C VAL C 264 -18.94 -3.17 6.29
N ILE C 265 -20.02 -3.89 6.03
CA ILE C 265 -20.85 -4.50 7.09
C ILE C 265 -20.81 -6.02 6.98
N LYS C 266 -21.25 -6.69 8.03
CA LYS C 266 -21.27 -8.16 8.02
C LYS C 266 -22.47 -8.71 8.77
N SER C 267 -23.00 -9.81 8.28
CA SER C 267 -23.97 -10.58 9.04
C SER C 267 -23.26 -11.20 10.24
N HIS D 5 -49.39 -5.03 -12.62
CA HIS D 5 -48.77 -5.69 -13.81
C HIS D 5 -49.44 -5.30 -15.09
N TRP D 6 -48.72 -5.49 -16.19
CA TRP D 6 -49.23 -5.20 -17.52
C TRP D 6 -49.85 -6.42 -18.15
N CYS D 7 -50.84 -6.21 -19.00
CA CYS D 7 -51.56 -7.29 -19.64
C CYS D 7 -51.82 -7.07 -21.14
N TYR D 8 -51.92 -8.17 -21.87
CA TYR D 8 -52.51 -8.19 -23.20
C TYR D 8 -54.02 -7.90 -23.10
N GLU D 9 -54.71 -7.64 -24.23
CA GLU D 9 -56.16 -7.27 -24.16
C GLU D 9 -56.98 -8.43 -23.64
N VAL D 10 -56.54 -9.65 -23.96
CA VAL D 10 -57.29 -10.86 -23.68
C VAL D 10 -57.29 -11.25 -22.20
N GLN D 11 -56.13 -11.16 -21.56
CA GLN D 11 -56.00 -11.57 -20.17
C GLN D 11 -56.72 -10.62 -19.22
N ALA D 12 -56.95 -9.38 -19.66
CA ALA D 12 -57.77 -8.43 -18.91
C ALA D 12 -59.21 -8.92 -18.77
N GLU D 13 -59.61 -9.81 -19.68
CA GLU D 13 -60.89 -10.49 -19.61
C GLU D 13 -60.77 -11.69 -18.66
N SER D 14 -60.03 -12.70 -19.11
CA SER D 14 -60.13 -14.06 -18.56
C SER D 14 -59.82 -14.29 -17.08
N SER D 15 -59.38 -13.26 -16.35
CA SER D 15 -59.16 -13.41 -14.91
C SER D 15 -59.72 -12.24 -14.09
N ASN D 16 -60.42 -12.58 -13.01
CA ASN D 16 -61.12 -11.62 -12.15
C ASN D 16 -60.16 -10.85 -11.23
N TYR D 17 -59.32 -10.01 -11.86
CA TYR D 17 -58.22 -9.30 -11.19
C TYR D 17 -57.81 -8.02 -11.92
N PRO D 18 -57.19 -7.05 -11.19
CA PRO D 18 -56.69 -5.82 -11.82
C PRO D 18 -55.74 -6.09 -13.00
N CYS D 19 -55.47 -5.05 -13.80
CA CYS D 19 -54.69 -5.18 -15.04
C CYS D 19 -54.20 -3.82 -15.55
N LEU D 20 -53.62 -3.83 -16.74
CA LEU D 20 -53.15 -2.62 -17.40
C LEU D 20 -52.91 -2.96 -18.87
N VAL D 21 -53.94 -2.71 -19.67
CA VAL D 21 -54.00 -3.14 -21.06
C VAL D 21 -53.19 -2.25 -22.02
N PRO D 22 -52.72 -2.81 -23.15
CA PRO D 22 -51.81 -2.17 -24.09
C PRO D 22 -51.92 -0.66 -24.31
N VAL D 23 -53.14 -0.15 -24.49
CA VAL D 23 -53.32 1.29 -24.73
C VAL D 23 -52.98 2.13 -23.49
N LYS D 24 -53.02 1.47 -22.33
CA LYS D 24 -52.79 2.16 -21.08
C LYS D 24 -51.36 1.95 -20.58
N TRP D 25 -50.65 1.01 -21.19
CA TRP D 25 -49.29 0.63 -20.82
C TRP D 25 -48.41 1.79 -20.41
N GLY D 26 -47.61 1.54 -19.36
CA GLY D 26 -46.73 2.54 -18.75
C GLY D 26 -45.26 2.23 -18.96
N GLY D 27 -44.50 3.26 -19.33
CA GLY D 27 -43.09 3.15 -19.69
C GLY D 27 -42.91 4.09 -20.86
N ASN D 28 -42.28 3.61 -21.92
CA ASN D 28 -42.18 4.38 -23.16
C ASN D 28 -43.37 4.19 -24.12
N CYS D 29 -44.23 3.23 -23.76
CA CYS D 29 -45.30 2.74 -24.62
C CYS D 29 -46.04 3.78 -25.44
N GLN D 30 -46.11 5.01 -24.92
CA GLN D 30 -46.95 6.04 -25.54
C GLN D 30 -46.21 6.92 -26.53
N LYS D 31 -44.91 6.65 -26.73
CA LYS D 31 -44.05 7.45 -27.61
C LYS D 31 -44.28 7.13 -29.09
N ASP D 32 -43.66 7.93 -29.97
CA ASP D 32 -43.94 7.89 -31.41
C ASP D 32 -43.10 6.94 -32.28
N ARG D 33 -42.26 6.08 -31.69
CA ARG D 33 -41.37 5.23 -32.52
C ARG D 33 -41.53 3.71 -32.27
N GLN D 34 -42.79 3.28 -32.16
CA GLN D 34 -43.11 2.00 -31.54
C GLN D 34 -43.32 0.85 -32.51
N SER D 35 -43.24 -0.37 -32.00
CA SER D 35 -43.49 -1.57 -32.78
C SER D 35 -44.65 -2.29 -32.13
N PRO D 36 -45.42 -3.12 -32.87
CA PRO D 36 -45.21 -3.46 -34.27
C PRO D 36 -45.94 -2.49 -35.20
N ILE D 37 -45.67 -2.62 -36.50
CA ILE D 37 -46.28 -1.81 -37.55
C ILE D 37 -46.72 -2.74 -38.65
N ASN D 38 -47.54 -2.19 -39.53
CA ASN D 38 -47.81 -2.80 -40.80
C ASN D 38 -46.81 -2.27 -41.83
N ILE D 39 -46.44 -3.12 -42.79
CA ILE D 39 -45.37 -2.90 -43.75
C ILE D 39 -45.95 -2.95 -45.14
N VAL D 40 -45.88 -1.84 -45.87
CA VAL D 40 -46.42 -1.80 -47.24
C VAL D 40 -45.31 -2.21 -48.19
N THR D 41 -45.39 -3.44 -48.72
CA THR D 41 -44.26 -4.01 -49.46
C THR D 41 -43.78 -3.12 -50.62
N THR D 42 -44.74 -2.50 -51.32
CA THR D 42 -44.48 -1.61 -52.46
C THR D 42 -43.73 -0.32 -52.12
N LYS D 43 -43.86 0.15 -50.88
CA LYS D 43 -43.26 1.41 -50.42
C LYS D 43 -41.93 1.26 -49.67
N ALA D 44 -41.41 0.04 -49.64
CA ALA D 44 -40.11 -0.18 -49.01
C ALA D 44 -39.10 -0.38 -50.15
N LYS D 45 -38.15 0.53 -50.26
CA LYS D 45 -37.16 0.52 -51.35
C LYS D 45 -35.91 -0.27 -51.01
N VAL D 46 -35.26 -0.79 -52.06
CA VAL D 46 -34.05 -1.60 -51.90
C VAL D 46 -32.93 -0.71 -51.34
N ASP D 47 -32.21 -1.20 -50.33
CA ASP D 47 -31.16 -0.39 -49.72
C ASP D 47 -29.79 -0.90 -50.13
N LYS D 48 -29.76 -2.15 -50.62
CA LYS D 48 -28.57 -2.75 -51.27
C LYS D 48 -27.53 -3.13 -50.20
N LYS D 49 -27.14 -2.14 -49.39
CA LYS D 49 -26.23 -2.29 -48.24
C LYS D 49 -26.57 -3.46 -47.32
N LEU D 50 -27.83 -3.89 -47.33
CA LEU D 50 -28.28 -4.94 -46.44
C LEU D 50 -28.23 -6.24 -47.20
N GLY D 51 -27.04 -6.82 -47.22
CA GLY D 51 -26.84 -8.10 -47.86
C GLY D 51 -27.23 -9.21 -46.90
N ARG D 52 -26.75 -10.41 -47.21
CA ARG D 52 -27.12 -11.56 -46.36
C ARG D 52 -26.62 -11.58 -44.89
N PHE D 53 -27.10 -12.55 -44.12
CA PHE D 53 -26.76 -12.65 -42.70
C PHE D 53 -25.75 -13.80 -42.49
N PHE D 54 -24.78 -13.61 -41.58
CA PHE D 54 -23.88 -14.72 -41.23
C PHE D 54 -24.34 -15.37 -39.96
N PHE D 55 -24.51 -16.69 -40.01
CA PHE D 55 -25.06 -17.44 -38.89
C PHE D 55 -24.06 -18.33 -38.17
N SER D 56 -23.33 -17.71 -37.24
CA SER D 56 -22.42 -18.40 -36.35
C SER D 56 -23.08 -18.68 -34.99
N GLY D 57 -22.88 -19.89 -34.49
CA GLY D 57 -23.61 -20.38 -33.32
C GLY D 57 -25.08 -20.54 -33.68
N TYR D 58 -25.34 -21.28 -34.76
CA TYR D 58 -26.70 -21.58 -35.21
C TYR D 58 -26.84 -23.03 -35.68
N ASP D 59 -25.89 -23.52 -36.49
CA ASP D 59 -25.96 -24.90 -37.00
C ASP D 59 -25.64 -25.98 -35.96
N LYS D 60 -25.47 -25.55 -34.69
CA LYS D 60 -24.91 -26.41 -33.66
C LYS D 60 -25.91 -27.11 -32.73
N LYS D 61 -26.33 -28.30 -33.14
CA LYS D 61 -27.14 -29.22 -32.31
C LYS D 61 -26.81 -29.18 -30.82
N GLN D 62 -27.87 -29.11 -30.01
CA GLN D 62 -27.78 -28.59 -28.65
C GLN D 62 -29.10 -28.86 -27.92
N THR D 63 -29.05 -28.88 -26.59
CA THR D 63 -30.25 -28.75 -25.78
C THR D 63 -30.38 -27.27 -25.43
N TRP D 64 -31.55 -26.86 -24.94
CA TRP D 64 -31.70 -25.46 -24.49
C TRP D 64 -32.67 -25.45 -23.37
N THR D 65 -32.57 -24.47 -22.48
CA THR D 65 -33.65 -24.17 -21.54
C THR D 65 -34.78 -23.47 -22.33
N VAL D 66 -35.71 -24.24 -22.86
CA VAL D 66 -36.99 -23.68 -23.31
C VAL D 66 -37.86 -23.59 -22.07
N GLN D 67 -38.56 -22.47 -21.92
CA GLN D 67 -39.46 -22.31 -20.76
C GLN D 67 -40.67 -21.39 -20.97
N ASN D 68 -41.62 -21.49 -20.04
CA ASN D 68 -42.75 -20.59 -19.95
C ASN D 68 -42.41 -19.43 -19.04
N ASN D 69 -42.95 -18.25 -19.35
CA ASN D 69 -42.67 -17.01 -18.62
C ASN D 69 -43.92 -16.18 -18.32
N GLY D 70 -45.08 -16.72 -18.65
CA GLY D 70 -46.35 -16.03 -18.48
C GLY D 70 -46.84 -15.29 -19.72
N HIS D 71 -45.93 -14.98 -20.66
CA HIS D 71 -46.30 -14.24 -21.89
C HIS D 71 -46.02 -15.00 -23.15
N SER D 72 -45.14 -15.99 -23.08
CA SER D 72 -44.64 -16.64 -24.28
C SER D 72 -44.00 -18.01 -24.00
N VAL D 73 -43.63 -18.74 -25.05
CA VAL D 73 -42.63 -19.79 -24.87
C VAL D 73 -41.22 -19.22 -25.18
N MET D 74 -40.47 -18.90 -24.13
CA MET D 74 -39.12 -18.32 -24.27
C MET D 74 -37.96 -19.28 -24.02
N MET D 75 -37.30 -19.66 -25.11
CA MET D 75 -36.09 -20.47 -25.02
C MET D 75 -34.81 -19.62 -25.05
N LEU D 76 -33.93 -19.90 -24.09
CA LEU D 76 -32.77 -19.08 -23.79
C LEU D 76 -31.54 -19.37 -24.67
N LEU D 77 -30.88 -18.31 -25.05
CA LEU D 77 -29.74 -18.43 -25.98
C LEU D 77 -28.50 -17.49 -25.84
N GLU D 78 -28.58 -16.48 -24.98
CA GLU D 78 -27.50 -15.52 -24.83
C GLU D 78 -26.17 -16.23 -24.60
N ASN D 79 -25.08 -15.54 -24.92
CA ASN D 79 -23.75 -16.10 -24.74
C ASN D 79 -23.59 -17.46 -25.43
N LYS D 80 -24.56 -17.78 -26.29
CA LYS D 80 -24.55 -19.06 -27.02
C LYS D 80 -24.56 -18.86 -28.54
N ALA D 81 -25.03 -17.70 -28.99
CA ALA D 81 -25.36 -17.55 -30.42
C ALA D 81 -25.03 -16.16 -30.93
N SER D 82 -24.86 -16.04 -32.23
CA SER D 82 -24.39 -14.73 -32.70
C SER D 82 -24.74 -14.44 -34.12
N ILE D 83 -24.97 -13.18 -34.45
CA ILE D 83 -25.28 -12.85 -35.83
C ILE D 83 -24.48 -11.65 -36.27
N SER D 84 -24.19 -11.60 -37.57
CA SER D 84 -23.67 -10.38 -38.15
C SER D 84 -24.10 -10.41 -39.60
N GLY D 85 -23.82 -9.32 -40.30
CA GLY D 85 -24.20 -9.15 -41.69
C GLY D 85 -25.53 -8.45 -41.67
N GLY D 86 -26.19 -8.42 -42.83
CA GLY D 86 -27.54 -7.82 -42.95
C GLY D 86 -27.63 -6.35 -42.60
N GLY D 87 -26.52 -5.61 -42.72
CA GLY D 87 -26.53 -4.13 -42.54
C GLY D 87 -26.41 -3.70 -41.10
N LEU D 88 -26.06 -4.66 -40.27
CA LEU D 88 -25.95 -4.47 -38.84
C LEU D 88 -24.58 -3.85 -38.56
N PRO D 89 -24.54 -2.80 -37.71
CA PRO D 89 -23.26 -2.23 -37.27
C PRO D 89 -22.13 -3.20 -36.89
N ALA D 90 -22.31 -3.94 -35.79
CA ALA D 90 -21.34 -4.91 -35.34
C ALA D 90 -22.02 -6.27 -35.47
N PRO D 91 -21.37 -7.33 -34.95
CA PRO D 91 -22.15 -8.53 -34.66
C PRO D 91 -23.06 -8.32 -33.46
N TYR D 92 -24.11 -9.13 -33.36
CA TYR D 92 -25.06 -9.07 -32.26
C TYR D 92 -25.12 -10.38 -31.47
N GLN D 93 -25.16 -10.30 -30.13
CA GLN D 93 -25.32 -11.54 -29.30
C GLN D 93 -26.75 -11.96 -28.92
N ALA D 94 -27.03 -13.26 -29.02
CA ALA D 94 -28.42 -13.79 -29.10
C ALA D 94 -29.24 -13.91 -27.81
N LYS D 95 -29.46 -12.77 -27.13
CA LYS D 95 -30.05 -12.73 -25.79
C LYS D 95 -31.15 -13.79 -25.51
N GLN D 96 -32.18 -13.85 -26.35
CA GLN D 96 -33.26 -14.86 -26.24
C GLN D 96 -34.10 -14.95 -27.51
N LEU D 97 -34.82 -16.07 -27.69
CA LEU D 97 -35.83 -16.28 -28.74
C LEU D 97 -37.25 -16.58 -28.17
N HIS D 98 -38.30 -15.88 -28.66
CA HIS D 98 -39.72 -16.11 -28.22
C HIS D 98 -40.77 -15.95 -29.30
N LEU D 99 -42.00 -16.40 -29.03
CA LEU D 99 -43.08 -16.35 -30.04
C LEU D 99 -44.32 -15.63 -29.60
N HIS D 100 -45.04 -15.14 -30.61
CA HIS D 100 -46.35 -14.53 -30.48
C HIS D 100 -47.22 -15.34 -31.38
N TRP D 101 -48.48 -15.59 -30.96
CA TRP D 101 -49.41 -16.40 -31.76
C TRP D 101 -50.90 -16.32 -31.43
N SER D 102 -51.73 -16.89 -32.29
CA SER D 102 -53.16 -17.05 -32.01
C SER D 102 -53.66 -18.44 -32.42
N ASP D 103 -54.95 -18.72 -32.21
CA ASP D 103 -55.58 -19.98 -32.66
C ASP D 103 -56.22 -19.86 -34.06
N LEU D 104 -56.19 -18.65 -34.62
CA LEU D 104 -56.76 -18.36 -35.94
C LEU D 104 -55.66 -17.93 -36.92
N PRO D 105 -55.62 -18.54 -38.12
CA PRO D 105 -54.55 -18.41 -39.12
C PRO D 105 -54.23 -16.96 -39.61
N TYR D 106 -55.24 -16.11 -39.54
CA TYR D 106 -55.15 -14.74 -40.03
C TYR D 106 -54.90 -13.75 -38.90
N LYS D 107 -54.48 -14.22 -37.72
CA LYS D 107 -54.44 -13.37 -36.53
C LYS D 107 -53.22 -13.47 -35.58
N GLY D 108 -52.22 -14.29 -35.87
CA GLY D 108 -51.13 -14.50 -34.83
C GLY D 108 -49.87 -13.61 -34.74
N SER D 109 -49.51 -12.98 -35.85
CA SER D 109 -48.25 -12.19 -35.90
C SER D 109 -48.38 -10.83 -35.20
N GLU D 110 -47.26 -10.20 -34.79
CA GLU D 110 -47.35 -8.79 -34.38
C GLU D 110 -47.29 -7.84 -35.58
N HIS D 111 -46.34 -8.06 -36.50
CA HIS D 111 -46.28 -7.34 -37.81
C HIS D 111 -47.26 -7.87 -38.82
N SER D 112 -47.61 -7.03 -39.80
CA SER D 112 -48.33 -7.46 -40.98
C SER D 112 -47.66 -7.00 -42.24
N LEU D 113 -47.77 -7.81 -43.30
CA LEU D 113 -47.30 -7.42 -44.63
C LEU D 113 -48.51 -7.06 -45.50
N ASP D 114 -48.66 -5.79 -45.87
CA ASP D 114 -49.80 -5.38 -46.69
C ASP D 114 -51.15 -5.81 -46.08
N GLY D 115 -51.26 -5.68 -44.77
CA GLY D 115 -52.45 -6.03 -44.04
C GLY D 115 -52.65 -7.49 -43.67
N GLU D 116 -51.89 -8.42 -44.23
CA GLU D 116 -51.98 -9.80 -43.72
C GLU D 116 -51.19 -10.03 -42.43
N HIS D 117 -51.88 -10.56 -41.43
CA HIS D 117 -51.30 -11.13 -40.26
C HIS D 117 -51.19 -12.62 -40.48
N PHE D 118 -50.23 -13.23 -39.81
CA PHE D 118 -49.93 -14.61 -40.05
C PHE D 118 -50.24 -15.37 -38.79
N ALA D 119 -50.09 -16.69 -38.85
CA ALA D 119 -50.49 -17.57 -37.74
C ALA D 119 -49.65 -17.41 -36.48
N MET D 120 -48.32 -17.23 -36.65
CA MET D 120 -47.45 -16.91 -35.56
C MET D 120 -46.35 -15.91 -35.98
N GLU D 121 -45.77 -15.24 -34.98
CA GLU D 121 -44.55 -14.51 -35.22
C GLU D 121 -43.44 -14.87 -34.26
N MET D 122 -42.29 -15.25 -34.81
CA MET D 122 -41.14 -15.68 -34.01
C MET D 122 -40.17 -14.55 -33.88
N HIS D 123 -39.74 -14.30 -32.63
CA HIS D 123 -38.73 -13.34 -32.34
C HIS D 123 -37.46 -14.00 -31.85
N ILE D 124 -36.34 -13.75 -32.52
CA ILE D 124 -35.00 -14.17 -32.05
C ILE D 124 -34.23 -12.90 -31.77
N VAL D 125 -34.03 -12.64 -30.48
CA VAL D 125 -33.57 -11.37 -29.93
C VAL D 125 -32.02 -11.41 -29.76
N HIS D 126 -31.36 -10.29 -30.05
CA HIS D 126 -29.88 -10.13 -29.94
C HIS D 126 -29.54 -8.77 -29.43
N GLU D 127 -28.37 -8.63 -28.80
CA GLU D 127 -27.91 -7.34 -28.20
C GLU D 127 -26.59 -6.80 -28.82
N LYS D 128 -26.45 -5.46 -28.92
CA LYS D 128 -25.33 -4.84 -29.67
C LYS D 128 -24.00 -4.96 -28.94
N GLU D 129 -23.03 -5.57 -29.63
CA GLU D 129 -21.72 -5.88 -29.07
C GLU D 129 -21.16 -4.72 -28.25
N LYS D 130 -20.51 -5.08 -27.14
CA LYS D 130 -19.87 -4.10 -26.25
C LYS D 130 -18.36 -4.00 -26.56
N GLY D 131 -17.61 -3.42 -25.61
CA GLY D 131 -16.15 -3.30 -25.68
C GLY D 131 -15.66 -2.57 -26.90
N PRO D 142 -29.16 4.83 -28.05
CA PRO D 142 -28.88 4.27 -29.36
C PRO D 142 -30.10 3.58 -29.96
N GLU D 143 -30.64 4.16 -31.03
CA GLU D 143 -31.86 3.69 -31.67
C GLU D 143 -31.76 2.24 -32.14
N ASP D 144 -30.53 1.75 -32.26
CA ASP D 144 -30.29 0.39 -32.70
C ASP D 144 -29.62 -0.52 -31.67
N GLU D 145 -29.75 -0.17 -30.39
CA GLU D 145 -29.25 -0.98 -29.26
C GLU D 145 -29.42 -2.53 -29.34
N ILE D 146 -30.65 -2.98 -29.60
CA ILE D 146 -30.87 -4.42 -29.84
C ILE D 146 -31.38 -4.68 -31.26
N ALA D 147 -31.10 -5.87 -31.78
CA ALA D 147 -31.62 -6.26 -33.09
C ALA D 147 -32.54 -7.41 -32.85
N VAL D 148 -33.80 -7.27 -33.23
CA VAL D 148 -34.64 -8.46 -33.20
C VAL D 148 -34.72 -9.04 -34.60
N LEU D 149 -34.55 -10.36 -34.74
CA LEU D 149 -34.87 -11.01 -36.00
C LEU D 149 -36.27 -11.64 -35.94
N ALA D 150 -37.14 -11.30 -36.91
CA ALA D 150 -38.57 -11.62 -36.84
C ALA D 150 -39.04 -12.44 -38.02
N PHE D 151 -39.55 -13.65 -37.74
CA PHE D 151 -40.04 -14.57 -38.78
C PHE D 151 -41.55 -14.81 -38.70
N LEU D 152 -42.29 -14.44 -39.73
CA LEU D 152 -43.73 -14.81 -39.81
C LEU D 152 -43.92 -16.31 -40.07
N VAL D 153 -44.92 -16.90 -39.40
CA VAL D 153 -45.21 -18.32 -39.56
C VAL D 153 -46.65 -18.54 -40.03
N GLU D 154 -46.81 -19.31 -41.11
CA GLU D 154 -48.12 -19.74 -41.59
C GLU D 154 -48.27 -21.29 -41.61
N ALA D 155 -49.51 -21.74 -41.68
CA ALA D 155 -49.80 -23.16 -41.77
C ALA D 155 -49.54 -23.66 -43.19
N GLY D 156 -49.02 -24.88 -43.29
CA GLY D 156 -48.83 -25.53 -44.59
C GLY D 156 -49.12 -27.03 -44.54
N THR D 157 -48.76 -27.70 -45.64
CA THR D 157 -48.92 -29.16 -45.84
C THR D 157 -48.68 -30.13 -44.68
N GLN D 158 -47.45 -30.16 -44.19
CA GLN D 158 -47.02 -31.28 -43.35
C GLN D 158 -46.07 -30.84 -42.24
N VAL D 159 -45.92 -31.73 -41.26
CA VAL D 159 -45.03 -31.53 -40.11
C VAL D 159 -43.64 -31.01 -40.47
N ASN D 160 -43.26 -29.86 -39.89
CA ASN D 160 -41.91 -29.28 -40.02
C ASN D 160 -40.96 -29.95 -39.01
N GLU D 161 -39.86 -30.51 -39.53
CA GLU D 161 -38.97 -31.36 -38.74
C GLU D 161 -37.92 -30.60 -37.92
N GLY D 162 -38.13 -29.30 -37.69
CA GLY D 162 -37.23 -28.55 -36.82
C GLY D 162 -37.90 -28.19 -35.51
N PHE D 163 -39.18 -27.84 -35.61
CA PHE D 163 -39.93 -27.28 -34.50
C PHE D 163 -40.31 -28.27 -33.41
N GLN D 164 -40.30 -29.55 -33.74
CA GLN D 164 -40.62 -30.63 -32.79
C GLN D 164 -40.01 -30.48 -31.37
N PRO D 165 -38.67 -30.37 -31.25
CA PRO D 165 -38.07 -30.23 -29.92
C PRO D 165 -38.73 -29.14 -29.08
N LEU D 166 -39.00 -27.99 -29.72
CA LEU D 166 -39.73 -26.89 -29.11
C LEU D 166 -41.19 -27.24 -28.90
N VAL D 167 -41.83 -27.77 -29.95
CA VAL D 167 -43.25 -28.17 -29.92
C VAL D 167 -43.51 -29.16 -28.79
N GLU D 168 -42.92 -30.35 -28.91
CA GLU D 168 -43.14 -31.42 -27.94
C GLU D 168 -42.82 -30.95 -26.52
N ALA D 169 -41.73 -30.18 -26.37
CA ALA D 169 -41.25 -29.71 -25.07
C ALA D 169 -42.21 -28.78 -24.32
N LEU D 170 -43.28 -28.37 -24.97
CA LEU D 170 -44.30 -27.52 -24.34
C LEU D 170 -45.09 -28.28 -23.28
N SER D 171 -45.22 -29.60 -23.50
CA SER D 171 -45.90 -30.54 -22.59
C SER D 171 -45.52 -30.34 -21.13
N ASN D 172 -44.24 -30.05 -20.89
CA ASN D 172 -43.69 -30.00 -19.54
C ASN D 172 -43.43 -28.58 -19.02
N ILE D 173 -44.17 -27.59 -19.55
CA ILE D 173 -44.15 -26.22 -19.03
C ILE D 173 -45.44 -25.44 -19.33
N PRO D 174 -46.61 -26.00 -18.99
CA PRO D 174 -47.85 -25.24 -19.18
C PRO D 174 -48.09 -24.09 -18.17
N LYS D 175 -47.47 -24.15 -16.99
CA LYS D 175 -47.59 -23.08 -15.98
C LYS D 175 -46.56 -21.97 -16.20
N PRO D 176 -46.83 -20.76 -15.66
CA PRO D 176 -45.78 -19.73 -15.55
C PRO D 176 -44.62 -20.17 -14.65
N GLU D 177 -43.51 -19.45 -14.75
CA GLU D 177 -42.33 -19.64 -13.88
C GLU D 177 -41.65 -20.98 -14.07
N MET D 178 -42.24 -21.84 -14.88
CA MET D 178 -41.78 -23.21 -15.04
C MET D 178 -40.71 -23.36 -16.10
N SER D 179 -39.61 -24.04 -15.74
CA SER D 179 -38.49 -24.33 -16.67
C SER D 179 -38.55 -25.76 -17.21
N THR D 180 -37.95 -25.98 -18.38
CA THR D 180 -37.76 -27.34 -18.90
C THR D 180 -36.53 -27.39 -19.82
N THR D 181 -36.40 -28.43 -20.65
CA THR D 181 -35.17 -28.66 -21.44
C THR D 181 -35.44 -29.32 -22.79
N MET D 182 -35.22 -28.56 -23.86
CA MET D 182 -35.53 -29.00 -25.21
C MET D 182 -34.56 -30.08 -25.65
N ALA D 183 -35.01 -30.98 -26.51
CA ALA D 183 -34.13 -32.02 -27.06
C ALA D 183 -32.98 -31.44 -27.88
N GLU D 184 -32.03 -32.31 -28.23
CA GLU D 184 -30.89 -32.03 -29.09
C GLU D 184 -31.28 -31.42 -30.43
N SER D 185 -31.05 -30.12 -30.56
CA SER D 185 -31.54 -29.39 -31.73
C SER D 185 -30.78 -28.11 -32.08
N SER D 186 -30.48 -27.96 -33.37
CA SER D 186 -29.76 -26.79 -33.86
C SER D 186 -30.75 -25.64 -34.05
N LEU D 187 -30.22 -24.43 -34.22
CA LEU D 187 -31.06 -23.25 -34.40
C LEU D 187 -31.50 -23.10 -35.85
N LEU D 188 -30.86 -23.85 -36.74
CA LEU D 188 -31.17 -23.81 -38.16
C LEU D 188 -32.34 -24.73 -38.45
N ASP D 189 -32.65 -25.59 -37.48
CA ASP D 189 -33.83 -26.45 -37.53
C ASP D 189 -35.11 -25.64 -37.58
N LEU D 190 -35.05 -24.45 -36.97
CA LEU D 190 -36.20 -23.55 -36.87
C LEU D 190 -36.20 -22.54 -38.00
N LEU D 191 -35.00 -22.25 -38.50
CA LEU D 191 -34.80 -21.25 -39.55
C LEU D 191 -34.77 -21.84 -40.96
N PRO D 192 -35.83 -21.58 -41.74
CA PRO D 192 -36.15 -22.12 -43.05
C PRO D 192 -34.92 -22.20 -43.94
N LYS D 193 -34.77 -23.32 -44.66
CA LYS D 193 -33.57 -23.56 -45.48
C LYS D 193 -33.20 -22.13 -45.93
N GLU D 194 -32.01 -21.73 -45.54
CA GLU D 194 -31.55 -20.37 -45.78
C GLU D 194 -31.37 -20.13 -47.28
N GLU D 195 -30.96 -18.92 -47.61
CA GLU D 195 -30.90 -18.51 -49.02
C GLU D 195 -32.17 -17.96 -49.64
N LYS D 196 -33.27 -18.07 -48.90
CA LYS D 196 -34.50 -17.31 -49.11
C LYS D 196 -34.64 -16.44 -47.86
N LEU D 197 -33.54 -16.31 -47.12
CA LEU D 197 -33.43 -15.33 -46.06
C LEU D 197 -32.88 -14.00 -46.61
N ARG D 198 -32.75 -13.97 -47.93
CA ARG D 198 -32.16 -12.86 -48.67
C ARG D 198 -33.11 -11.68 -48.65
N HIS D 199 -34.41 -11.99 -48.57
CA HIS D 199 -35.47 -10.99 -48.62
C HIS D 199 -36.00 -10.62 -47.27
N TYR D 200 -35.77 -9.38 -46.87
CA TYR D 200 -36.25 -8.87 -45.60
C TYR D 200 -36.52 -7.38 -45.63
N PHE D 201 -37.33 -6.96 -44.66
CA PHE D 201 -37.64 -5.57 -44.36
C PHE D 201 -36.98 -5.21 -43.09
N ARG D 202 -36.77 -3.90 -42.92
CA ARG D 202 -35.94 -3.38 -41.88
C ARG D 202 -36.42 -1.99 -41.53
N TYR D 203 -36.44 -1.68 -40.26
CA TYR D 203 -36.88 -0.37 -39.83
C TYR D 203 -36.44 -0.31 -38.40
N LEU D 204 -36.56 0.89 -37.85
CA LEU D 204 -36.18 1.17 -36.48
C LEU D 204 -37.42 1.39 -35.67
N GLY D 205 -37.43 0.78 -34.49
CA GLY D 205 -38.57 0.85 -33.59
C GLY D 205 -38.28 0.40 -32.18
N SER D 206 -39.30 -0.19 -31.54
CA SER D 206 -39.23 -0.50 -30.11
C SER D 206 -39.42 -1.98 -29.77
N LEU D 207 -39.36 -2.26 -28.46
CA LEU D 207 -39.82 -3.54 -27.89
C LEU D 207 -41.36 -3.57 -27.95
N THR D 208 -41.93 -4.76 -28.08
CA THR D 208 -43.40 -4.91 -28.17
C THR D 208 -44.07 -5.19 -26.84
N THR D 209 -43.29 -5.12 -25.76
CA THR D 209 -43.79 -5.26 -24.39
C THR D 209 -43.22 -4.14 -23.53
N PRO D 210 -43.88 -3.82 -22.40
CA PRO D 210 -43.32 -2.82 -21.49
C PRO D 210 -41.87 -3.16 -21.10
N THR D 211 -41.00 -2.15 -21.05
CA THR D 211 -41.42 -0.75 -21.05
C THR D 211 -41.29 -0.01 -22.40
N CYS D 212 -41.26 -0.76 -23.49
CA CYS D 212 -41.36 -0.24 -24.86
C CYS D 212 -40.21 0.67 -25.33
N ASP D 213 -38.98 0.39 -24.87
CA ASP D 213 -37.81 1.20 -25.22
C ASP D 213 -37.55 1.22 -26.72
N GLU D 214 -37.20 2.39 -27.25
CA GLU D 214 -37.07 2.55 -28.69
C GLU D 214 -35.64 2.34 -29.16
N LYS D 215 -35.15 1.11 -28.93
CA LYS D 215 -33.74 0.76 -29.10
C LYS D 215 -33.52 -0.45 -30.02
N VAL D 216 -34.48 -0.71 -30.89
CA VAL D 216 -34.52 -1.96 -31.64
C VAL D 216 -34.31 -1.74 -33.13
N VAL D 217 -33.54 -2.65 -33.74
CA VAL D 217 -33.41 -2.69 -35.19
C VAL D 217 -34.08 -3.94 -35.74
N TRP D 218 -35.34 -3.76 -36.14
CA TRP D 218 -36.14 -4.85 -36.65
C TRP D 218 -35.71 -5.38 -37.98
N THR D 219 -35.77 -6.69 -38.06
CA THR D 219 -35.66 -7.37 -39.32
C THR D 219 -36.87 -8.30 -39.46
N VAL D 220 -37.65 -8.06 -40.50
CA VAL D 220 -38.83 -8.86 -40.78
C VAL D 220 -38.54 -9.64 -42.05
N PHE D 221 -38.48 -10.97 -41.94
CA PHE D 221 -38.23 -11.83 -43.09
C PHE D 221 -39.52 -12.11 -43.88
N ARG D 222 -39.36 -12.13 -45.19
CA ARG D 222 -40.49 -12.06 -46.09
C ARG D 222 -41.11 -13.42 -46.34
N GLU D 223 -40.29 -14.44 -46.56
CA GLU D 223 -40.84 -15.76 -46.80
C GLU D 223 -41.03 -16.45 -45.43
N PRO D 224 -42.28 -16.83 -45.09
CA PRO D 224 -42.67 -17.35 -43.77
C PRO D 224 -42.29 -18.80 -43.50
N ILE D 225 -42.20 -19.18 -42.23
CA ILE D 225 -41.98 -20.59 -41.89
C ILE D 225 -43.29 -21.39 -41.99
N GLN D 226 -43.22 -22.60 -42.53
CA GLN D 226 -44.43 -23.38 -42.73
C GLN D 226 -44.53 -24.49 -41.72
N LEU D 227 -45.34 -24.27 -40.69
CA LEU D 227 -45.62 -25.34 -39.78
C LEU D 227 -46.93 -26.00 -40.21
N HIS D 228 -47.06 -27.28 -39.87
CA HIS D 228 -48.33 -27.96 -40.00
C HIS D 228 -49.29 -27.41 -38.99
N ARG D 229 -50.57 -27.37 -39.36
CA ARG D 229 -51.64 -26.84 -38.50
C ARG D 229 -51.54 -27.32 -37.05
N GLU D 230 -51.34 -28.62 -36.87
CA GLU D 230 -51.27 -29.23 -35.53
C GLU D 230 -50.20 -28.58 -34.64
N GLN D 231 -49.00 -28.39 -35.19
CA GLN D 231 -47.86 -27.83 -34.45
C GLN D 231 -48.15 -26.41 -33.96
N ILE D 232 -48.81 -25.62 -34.79
CA ILE D 232 -49.19 -24.25 -34.43
C ILE D 232 -50.17 -24.29 -33.27
N LEU D 233 -51.26 -25.03 -33.47
CA LEU D 233 -52.30 -25.23 -32.46
C LEU D 233 -51.73 -25.75 -31.14
N ALA D 234 -50.83 -26.71 -31.23
CA ALA D 234 -50.05 -27.17 -30.08
C ALA D 234 -49.57 -26.06 -29.13
N PHE D 235 -49.32 -24.85 -29.66
CA PHE D 235 -48.83 -23.75 -28.79
C PHE D 235 -49.89 -23.17 -27.87
N SER D 236 -51.14 -23.14 -28.31
CA SER D 236 -52.23 -22.70 -27.41
C SER D 236 -53.05 -23.89 -26.85
N GLN D 237 -53.13 -24.99 -27.60
CA GLN D 237 -53.69 -26.25 -27.03
C GLN D 237 -52.95 -26.77 -25.77
N LYS D 238 -51.62 -26.64 -25.78
CA LYS D 238 -50.71 -27.11 -24.72
C LYS D 238 -50.08 -26.12 -23.77
N LEU D 239 -50.57 -24.93 -23.57
CA LEU D 239 -49.81 -23.98 -22.79
C LEU D 239 -50.79 -23.05 -22.23
N TYR D 240 -50.57 -22.46 -21.07
CA TYR D 240 -51.68 -21.68 -20.47
C TYR D 240 -51.13 -20.44 -19.80
N TYR D 241 -51.89 -19.36 -19.80
CA TYR D 241 -51.48 -18.12 -19.12
C TYR D 241 -51.42 -18.24 -17.60
N ASP D 242 -52.15 -19.21 -17.06
CA ASP D 242 -52.42 -19.28 -15.61
C ASP D 242 -51.94 -20.58 -14.95
N LYS D 243 -51.59 -20.47 -13.67
CA LYS D 243 -51.30 -21.63 -12.81
C LYS D 243 -52.49 -22.61 -12.78
N GLU D 244 -53.69 -22.05 -12.79
CA GLU D 244 -54.95 -22.81 -12.86
C GLU D 244 -55.05 -23.69 -14.11
N GLN D 245 -54.35 -23.29 -15.18
CA GLN D 245 -54.44 -23.93 -16.51
C GLN D 245 -55.84 -23.83 -17.14
N THR D 246 -56.56 -22.76 -16.83
CA THR D 246 -57.88 -22.49 -17.41
C THR D 246 -57.80 -21.67 -18.70
N VAL D 247 -56.85 -20.74 -18.76
CA VAL D 247 -56.74 -19.74 -19.85
C VAL D 247 -55.69 -20.14 -20.88
N SER D 248 -56.14 -20.61 -22.05
CA SER D 248 -55.22 -21.06 -23.07
C SER D 248 -54.34 -19.90 -23.56
N MET D 249 -53.09 -20.23 -23.89
CA MET D 249 -52.11 -19.20 -24.26
C MET D 249 -52.28 -18.78 -25.71
N LYS D 250 -52.69 -17.52 -25.91
CA LYS D 250 -53.05 -17.03 -27.25
C LYS D 250 -53.14 -15.53 -27.32
N ASP D 251 -53.10 -14.99 -28.54
CA ASP D 251 -53.19 -13.53 -28.71
C ASP D 251 -52.28 -12.79 -27.74
N ASN D 252 -51.10 -13.35 -27.52
CA ASN D 252 -50.06 -12.59 -26.86
C ASN D 252 -49.40 -11.61 -27.85
N VAL D 253 -50.24 -10.80 -28.51
CA VAL D 253 -49.78 -9.82 -29.49
C VAL D 253 -50.20 -8.38 -29.22
N ARG D 254 -49.26 -7.44 -29.34
CA ARG D 254 -49.56 -6.03 -29.16
C ARG D 254 -50.20 -5.47 -30.43
N PRO D 255 -51.26 -4.65 -30.30
CA PRO D 255 -51.92 -3.98 -31.46
C PRO D 255 -50.93 -3.07 -32.21
N LEU D 256 -51.30 -2.68 -33.42
CA LEU D 256 -50.38 -2.04 -34.36
C LEU D 256 -50.14 -0.57 -34.10
N GLN D 257 -48.86 -0.22 -34.02
CA GLN D 257 -48.41 1.18 -33.94
C GLN D 257 -48.22 1.82 -35.32
N GLN D 258 -48.15 3.16 -35.34
CA GLN D 258 -48.00 3.91 -36.60
C GLN D 258 -46.54 4.12 -36.94
N LEU D 259 -46.23 4.06 -38.24
CA LEU D 259 -44.88 4.36 -38.73
C LEU D 259 -44.38 5.66 -38.09
N GLY D 260 -45.24 6.69 -38.13
CA GLY D 260 -44.87 8.03 -37.68
C GLY D 260 -43.84 8.57 -38.64
N GLN D 261 -42.84 9.26 -38.12
CA GLN D 261 -41.80 9.88 -38.95
C GLN D 261 -40.67 8.88 -39.19
N ARG D 262 -41.01 7.80 -39.89
CA ARG D 262 -40.11 6.67 -40.13
C ARG D 262 -40.38 6.10 -41.51
N THR D 263 -39.46 5.27 -41.98
CA THR D 263 -39.67 4.57 -43.26
C THR D 263 -39.10 3.13 -43.17
N VAL D 264 -39.51 2.27 -44.10
CA VAL D 264 -38.99 0.92 -44.16
C VAL D 264 -38.18 0.65 -45.43
N ILE D 265 -37.10 -0.14 -45.28
CA ILE D 265 -36.26 -0.59 -46.40
C ILE D 265 -36.25 -2.11 -46.56
N LYS D 266 -35.99 -2.55 -47.78
CA LYS D 266 -35.78 -3.96 -48.00
C LYS D 266 -34.40 -4.27 -48.57
N SER D 267 -34.16 -5.56 -48.79
CA SER D 267 -32.90 -6.11 -49.20
C SER D 267 -33.06 -6.72 -50.58
#